data_7EZC
#
_entry.id   7EZC
#
_cell.length_a   71.230
_cell.length_b   175.730
_cell.length_c   112.710
_cell.angle_alpha   90.00
_cell.angle_beta   91.22
_cell.angle_gamma   90.00
#
_symmetry.space_group_name_H-M   'C 1 2 1'
#
loop_
_entity.id
_entity.type
_entity.pdbx_description
1 polymer 'Adenosine receptor A2a,Soluble cytochrome b562'
2 non-polymer 6-(2,2-diphenylethylamino)-9-[(2R,3R,4S,5S)-5-(ethylcarbamoyl)-3,4-dihydroxy-oxolan-2-yl]-N-[2-[(1-pyridin-2-ylpiperidin-4-yl)carbamoylamino]ethyl]purine-2-carboxamide
#
_entity_poly.entity_id   1
_entity_poly.type   'polypeptide(L)'
_entity_poly.pdbx_seq_one_letter_code
;DYKDDDDGAPPIMGSSVYITVELAIAVLAILGNVLVCWAVWLNSNLQNVTNYFVVSLAAADIAVGVLAIPFAITISTGFC
AACHGCLFIACFVLVLTQSSNFSLLAIAIDRYIAIRIPLRYNGLVTGTRAKGIIAICWVLSFAIGLTPMLGWNNCGQPKE
GKNHSQGCGEGQVACLFEDVVPMNYMVYFNFFACVLVPLLLMLGVYLRIFLAARRQLADLEDNWETLNDNLKVIEKADNA
AQVKDALTKMRAAALDAQKATPPKLEDKSPDSPEMKDFRHGFDILVGQIDDALKLANEGKVKEAQAAAEQLKTTRNAYIQ
KYLERARSTLQKEVHAAKSLAIIVGLFALCWLPLHIINCFTFFCPDCSHAPLWLMYLAIVLSHTNSVVNPFIYAYRIREF
RQTFRKIIRSHVLRQQEPFKAHHHHHHHHHH
;
_entity_poly.pdbx_strand_id   A,B
#
loop_
_chem_comp.id
_chem_comp.type
_chem_comp.name
_chem_comp.formula
UKA non-polymer 6-(2,2-diphenylethylamino)-9-[(2R,3R,4S,5S)-5-(ethylcarbamoyl)-3,4-dihydroxy-oxolan-2-yl]-N-[2-[(1-pyridin-2-ylpiperidin-4-yl)carbamoylamino]ethyl]purine-2-carboxamide 'C40 H47 N11 O6'
#
# COMPACT_ATOMS: atom_id res chain seq x y z
N ILE A 12 14.81 36.46 -20.84
CA ILE A 12 13.86 35.35 -20.87
C ILE A 12 13.26 35.14 -19.48
N MET A 13 12.01 34.67 -19.45
CA MET A 13 11.29 34.51 -18.20
C MET A 13 11.45 33.09 -17.65
N GLY A 14 11.34 32.98 -16.33
CA GLY A 14 11.31 31.66 -15.71
C GLY A 14 10.05 30.88 -16.00
N SER A 15 8.97 31.57 -16.36
CA SER A 15 7.73 30.92 -16.76
C SER A 15 7.67 30.70 -18.27
N SER A 16 8.22 31.63 -19.05
CA SER A 16 8.23 31.47 -20.50
C SER A 16 9.08 30.27 -20.93
N VAL A 17 10.13 29.95 -20.15
CA VAL A 17 10.91 28.76 -20.43
C VAL A 17 10.19 27.51 -19.93
N TYR A 18 9.38 27.65 -18.87
CA TYR A 18 8.66 26.49 -18.35
C TYR A 18 7.68 25.93 -19.38
N ILE A 19 6.81 26.78 -19.92
CA ILE A 19 5.84 26.32 -20.91
C ILE A 19 6.54 25.90 -22.20
N THR A 20 7.61 26.61 -22.57
CA THR A 20 8.36 26.24 -23.76
C THR A 20 8.95 24.83 -23.62
N VAL A 21 9.67 24.59 -22.52
CA VAL A 21 10.25 23.26 -22.30
C VAL A 21 9.15 22.22 -22.13
N GLU A 22 8.03 22.61 -21.52
CA GLU A 22 6.94 21.66 -21.30
C GLU A 22 6.28 21.28 -22.61
N LEU A 23 6.00 22.26 -23.46
CA LEU A 23 5.38 21.95 -24.76
C LEU A 23 6.32 21.17 -25.67
N ALA A 24 7.63 21.38 -25.54
CA ALA A 24 8.59 20.57 -26.29
C ALA A 24 8.48 19.11 -25.90
N ILE A 25 8.32 18.84 -24.60
CA ILE A 25 8.15 17.46 -24.14
C ILE A 25 6.80 16.91 -24.58
N ALA A 26 5.79 17.76 -24.70
CA ALA A 26 4.46 17.30 -25.12
C ALA A 26 4.51 16.72 -26.54
N VAL A 27 5.41 17.20 -27.38
CA VAL A 27 5.52 16.65 -28.73
C VAL A 27 6.37 15.39 -28.73
N LEU A 28 7.43 15.35 -27.92
CA LEU A 28 8.25 14.15 -27.82
C LEU A 28 7.43 12.95 -27.37
N ALA A 29 6.38 13.19 -26.59
CA ALA A 29 5.45 12.12 -26.25
C ALA A 29 4.66 11.68 -27.48
N ILE A 30 4.14 12.67 -28.23
CA ILE A 30 3.25 12.36 -29.34
C ILE A 30 3.95 11.48 -30.37
N LEU A 31 5.12 11.92 -30.84
CA LEU A 31 5.78 11.24 -31.93
C LEU A 31 6.26 9.84 -31.52
N GLY A 32 7.19 9.79 -30.56
CA GLY A 32 7.84 8.53 -30.21
C GLY A 32 6.89 7.38 -29.91
N ASN A 33 5.73 7.66 -29.31
CA ASN A 33 4.81 6.61 -28.91
C ASN A 33 3.79 6.26 -29.98
N VAL A 34 3.39 7.22 -30.82
CA VAL A 34 2.67 6.86 -32.03
C VAL A 34 3.59 6.07 -32.96
N LEU A 35 4.89 6.40 -32.96
CA LEU A 35 5.86 5.61 -33.69
C LEU A 35 5.91 4.18 -33.16
N VAL A 36 5.86 4.02 -31.83
CA VAL A 36 5.82 2.68 -31.24
C VAL A 36 4.55 1.96 -31.66
N CYS A 37 3.42 2.67 -31.68
CA CYS A 37 2.17 2.08 -32.13
C CYS A 37 2.13 1.94 -33.65
N TRP A 38 2.84 2.80 -34.37
CA TRP A 38 2.98 2.60 -35.82
C TRP A 38 3.73 1.31 -36.13
N ALA A 39 4.70 0.95 -35.28
CA ALA A 39 5.48 -0.25 -35.52
C ALA A 39 4.68 -1.51 -35.21
N VAL A 40 4.05 -1.56 -34.05
CA VAL A 40 3.31 -2.77 -33.65
C VAL A 40 2.15 -3.03 -34.59
N TRP A 41 1.59 -1.99 -35.19
CA TRP A 41 0.49 -2.19 -36.13
C TRP A 41 0.97 -2.76 -37.46
N LEU A 42 2.24 -2.52 -37.82
CA LEU A 42 2.76 -3.01 -39.09
C LEU A 42 3.20 -4.47 -38.99
N ASN A 43 4.24 -4.74 -38.21
CA ASN A 43 4.82 -6.07 -38.16
C ASN A 43 3.85 -7.06 -37.51
N SER A 44 3.67 -8.20 -38.17
CA SER A 44 2.81 -9.25 -37.61
C SER A 44 3.46 -9.91 -36.39
N ASN A 45 4.77 -10.11 -36.44
CA ASN A 45 5.47 -10.77 -35.34
C ASN A 45 5.65 -9.86 -34.13
N LEU A 46 5.45 -8.55 -34.28
CA LEU A 46 5.41 -7.64 -33.14
C LEU A 46 4.09 -7.68 -32.40
N GLN A 47 3.09 -8.36 -32.94
CA GLN A 47 1.76 -8.41 -32.34
C GLN A 47 1.63 -9.56 -31.35
N ASN A 48 2.53 -9.60 -30.37
CA ASN A 48 2.49 -10.61 -29.31
C ASN A 48 1.76 -10.03 -28.10
N VAL A 49 1.94 -10.62 -26.93
CA VAL A 49 1.26 -10.14 -25.73
C VAL A 49 2.09 -9.09 -25.00
N THR A 50 3.41 -9.27 -24.98
CA THR A 50 4.27 -8.29 -24.31
C THR A 50 4.21 -6.93 -25.00
N ASN A 51 4.25 -6.91 -26.32
CA ASN A 51 4.16 -5.64 -27.04
C ASN A 51 2.75 -5.06 -27.05
N TYR A 52 1.76 -5.83 -26.61
CA TYR A 52 0.47 -5.22 -26.28
C TYR A 52 0.60 -4.34 -25.03
N PHE A 53 1.44 -4.76 -24.08
CA PHE A 53 1.72 -3.91 -22.93
C PHE A 53 2.61 -2.73 -23.30
N VAL A 54 3.41 -2.87 -24.37
CA VAL A 54 4.24 -1.77 -24.83
C VAL A 54 3.39 -0.75 -25.60
N VAL A 55 2.41 -1.24 -26.35
CA VAL A 55 1.45 -0.33 -26.99
C VAL A 55 0.55 0.31 -25.93
N SER A 56 0.09 -0.48 -24.96
CA SER A 56 -0.76 0.06 -23.91
C SER A 56 -0.05 1.14 -23.11
N LEU A 57 1.25 0.94 -22.84
CA LEU A 57 2.02 1.98 -22.18
C LEU A 57 2.28 3.15 -23.10
N ALA A 58 2.59 2.88 -24.37
CA ALA A 58 2.84 3.96 -25.32
C ALA A 58 1.58 4.80 -25.55
N ALA A 59 0.40 4.20 -25.37
CA ALA A 59 -0.84 4.96 -25.51
C ALA A 59 -1.05 5.90 -24.33
N ALA A 60 -0.70 5.46 -23.12
CA ALA A 60 -0.86 6.31 -21.94
C ALA A 60 0.09 7.50 -22.00
N ASP A 61 1.31 7.30 -22.50
CA ASP A 61 2.26 8.40 -22.64
C ASP A 61 1.81 9.41 -23.69
N ILE A 62 1.00 8.99 -24.65
CA ILE A 62 0.44 9.94 -25.62
C ILE A 62 -0.60 10.82 -24.93
N ALA A 63 -1.40 10.25 -24.03
CA ALA A 63 -2.38 11.03 -23.30
C ALA A 63 -1.72 12.03 -22.35
N VAL A 64 -0.55 11.68 -21.81
CA VAL A 64 0.16 12.59 -20.92
C VAL A 64 0.51 13.88 -21.66
N GLY A 65 1.03 13.76 -22.87
CA GLY A 65 1.42 14.92 -23.64
C GLY A 65 0.27 15.67 -24.28
N VAL A 66 -0.91 15.06 -24.36
CA VAL A 66 -2.06 15.69 -24.99
C VAL A 66 -2.97 16.36 -23.96
N LEU A 67 -3.16 15.73 -22.81
CA LEU A 67 -4.04 16.28 -21.77
C LEU A 67 -3.30 16.70 -20.52
N ALA A 68 -2.43 15.83 -19.98
CA ALA A 68 -1.83 16.10 -18.68
C ALA A 68 -0.92 17.33 -18.72
N ILE A 69 -0.10 17.45 -19.76
CA ILE A 69 0.86 18.56 -19.87
C ILE A 69 0.12 19.88 -20.06
N PRO A 70 -0.89 19.99 -20.94
CA PRO A 70 -1.70 21.23 -20.95
C PRO A 70 -2.40 21.48 -19.62
N PHE A 71 -2.69 20.43 -18.85
CA PHE A 71 -3.32 20.62 -17.55
C PHE A 71 -2.29 21.01 -16.49
N ALA A 72 -1.12 20.40 -16.53
CA ALA A 72 -0.07 20.70 -15.54
C ALA A 72 0.59 22.05 -15.78
N ILE A 73 0.33 22.70 -16.91
CA ILE A 73 0.77 24.08 -17.12
C ILE A 73 -0.26 25.06 -16.61
N THR A 74 -1.54 24.84 -16.94
CA THR A 74 -2.62 25.65 -16.40
C THR A 74 -2.62 25.60 -14.88
N ILE A 75 -2.09 24.52 -14.31
CA ILE A 75 -1.99 24.39 -12.86
C ILE A 75 -0.92 25.31 -12.29
N SER A 76 0.11 25.61 -13.06
CA SER A 76 1.18 26.47 -12.56
C SER A 76 0.83 27.95 -12.64
N THR A 77 -0.12 28.34 -13.50
CA THR A 77 -0.45 29.74 -13.66
C THR A 77 -1.03 30.32 -12.37
N GLY A 78 -1.87 29.57 -11.68
CA GLY A 78 -2.51 30.07 -10.49
C GLY A 78 -3.59 31.10 -10.80
N PHE A 79 -4.41 30.79 -11.79
CA PHE A 79 -5.43 31.72 -12.26
C PHE A 79 -6.71 31.58 -11.42
N CYS A 80 -7.49 32.65 -11.42
CA CYS A 80 -8.75 32.67 -10.67
C CYS A 80 -9.74 31.69 -11.27
N ALA A 81 -10.16 30.70 -10.48
CA ALA A 81 -11.16 29.74 -10.90
C ALA A 81 -11.71 29.05 -9.66
N ALA A 82 -12.94 28.56 -9.76
CA ALA A 82 -13.55 27.82 -8.68
C ALA A 82 -12.67 26.64 -8.29
N CYS A 83 -12.74 26.24 -7.02
CA CYS A 83 -11.85 25.20 -6.52
C CYS A 83 -12.07 23.89 -7.26
N HIS A 84 -13.30 23.38 -7.23
CA HIS A 84 -13.61 22.11 -7.89
C HIS A 84 -13.44 22.18 -9.40
N GLY A 85 -13.11 23.34 -9.95
CA GLY A 85 -12.68 23.42 -11.32
C GLY A 85 -11.17 23.27 -11.44
N CYS A 86 -10.44 23.88 -10.51
CA CYS A 86 -8.99 23.64 -10.44
C CYS A 86 -8.69 22.25 -9.88
N LEU A 87 -9.58 21.72 -9.05
CA LEU A 87 -9.45 20.34 -8.61
C LEU A 87 -9.52 19.38 -9.78
N PHE A 88 -10.54 19.56 -10.64
CA PHE A 88 -10.72 18.68 -11.78
C PHE A 88 -9.51 18.71 -12.71
N ILE A 89 -8.90 19.89 -12.89
CA ILE A 89 -7.67 19.98 -13.66
C ILE A 89 -6.52 19.31 -12.92
N ALA A 90 -6.55 19.34 -11.58
CA ALA A 90 -5.46 18.79 -10.79
C ALA A 90 -5.62 17.30 -10.49
N CYS A 91 -6.86 16.80 -10.40
CA CYS A 91 -7.03 15.37 -10.25
C CYS A 91 -6.83 14.63 -11.56
N PHE A 92 -7.12 15.27 -12.68
CA PHE A 92 -6.97 14.60 -13.97
C PHE A 92 -5.51 14.37 -14.32
N VAL A 93 -4.63 15.30 -13.94
CA VAL A 93 -3.20 15.09 -14.17
C VAL A 93 -2.67 14.02 -13.23
N LEU A 94 -3.35 13.75 -12.11
CA LEU A 94 -2.96 12.66 -11.24
C LEU A 94 -3.49 11.32 -11.74
N VAL A 95 -4.61 11.32 -12.46
CA VAL A 95 -5.12 10.08 -13.05
C VAL A 95 -4.28 9.68 -14.26
N LEU A 96 -3.75 10.66 -14.99
CA LEU A 96 -3.05 10.36 -16.24
C LEU A 96 -1.64 9.85 -15.99
N THR A 97 -0.84 10.59 -15.23
CA THR A 97 0.48 10.11 -14.84
C THR A 97 0.40 8.82 -14.05
N GLN A 98 -0.75 8.58 -13.40
CA GLN A 98 -0.97 7.32 -12.70
C GLN A 98 -0.83 6.13 -13.65
N SER A 99 -1.52 6.21 -14.79
CA SER A 99 -1.60 5.09 -15.73
C SER A 99 -0.31 4.88 -16.50
N SER A 100 0.58 5.87 -16.57
CA SER A 100 1.86 5.67 -17.23
C SER A 100 2.82 4.85 -16.36
N ASN A 101 2.70 4.97 -15.04
CA ASN A 101 3.52 4.16 -14.14
C ASN A 101 2.90 2.80 -13.88
N PHE A 102 1.57 2.69 -13.90
CA PHE A 102 0.92 1.41 -13.72
C PHE A 102 0.94 0.56 -14.97
N SER A 103 1.05 1.18 -16.15
CA SER A 103 1.23 0.41 -17.38
C SER A 103 2.70 0.02 -17.59
N LEU A 104 3.63 0.90 -17.18
CA LEU A 104 5.04 0.51 -17.13
C LEU A 104 5.24 -0.64 -16.15
N LEU A 105 4.51 -0.63 -15.04
CA LEU A 105 4.56 -1.75 -14.10
C LEU A 105 4.02 -3.03 -14.73
N ALA A 106 3.02 -2.92 -15.60
CA ALA A 106 2.48 -4.11 -16.26
C ALA A 106 3.50 -4.72 -17.22
N ILE A 107 4.27 -3.89 -17.91
CA ILE A 107 5.33 -4.39 -18.77
C ILE A 107 6.37 -5.13 -17.93
N ALA A 108 6.77 -4.53 -16.82
CA ALA A 108 7.79 -5.14 -15.97
C ALA A 108 7.30 -6.42 -15.32
N ILE A 109 6.01 -6.47 -14.94
CA ILE A 109 5.45 -7.70 -14.41
C ILE A 109 5.36 -8.76 -15.49
N ASP A 110 4.96 -8.36 -16.70
CA ASP A 110 4.89 -9.30 -17.81
C ASP A 110 6.27 -9.88 -18.13
N ARG A 111 7.30 -9.03 -18.13
CA ARG A 111 8.65 -9.51 -18.40
C ARG A 111 9.20 -10.34 -17.24
N TYR A 112 8.62 -10.23 -16.06
CA TYR A 112 9.04 -11.10 -14.96
C TYR A 112 8.50 -12.51 -15.16
N ILE A 113 7.25 -12.63 -15.60
CA ILE A 113 6.65 -13.94 -15.80
C ILE A 113 7.36 -14.68 -16.94
N ALA A 114 7.49 -14.03 -18.10
CA ALA A 114 8.04 -14.67 -19.28
C ALA A 114 9.46 -15.15 -19.08
N ILE A 115 10.19 -14.61 -18.10
CA ILE A 115 11.60 -14.92 -17.93
C ILE A 115 11.83 -15.96 -16.84
N ARG A 116 11.12 -15.87 -15.72
CA ARG A 116 11.30 -16.82 -14.64
C ARG A 116 10.25 -17.94 -14.63
N ILE A 117 9.04 -17.68 -15.11
CA ILE A 117 8.00 -18.70 -15.19
C ILE A 117 7.53 -18.80 -16.65
N PRO A 118 8.31 -19.45 -17.53
CA PRO A 118 7.95 -19.45 -18.95
C PRO A 118 7.03 -20.60 -19.34
N LEU A 119 7.08 -21.69 -18.57
CA LEU A 119 6.24 -22.85 -18.87
C LEU A 119 4.77 -22.62 -18.55
N ARG A 120 4.41 -21.41 -18.10
CA ARG A 120 3.01 -21.05 -17.84
C ARG A 120 2.70 -19.66 -18.38
N TYR A 121 3.50 -19.16 -19.32
CA TYR A 121 3.34 -17.78 -19.79
C TYR A 121 2.12 -17.63 -20.70
N ASN A 122 2.02 -18.47 -21.73
CA ASN A 122 0.91 -18.35 -22.68
C ASN A 122 -0.40 -18.82 -22.08
N GLY A 123 -0.36 -19.83 -21.21
CA GLY A 123 -1.54 -20.31 -20.52
C GLY A 123 -2.04 -19.42 -19.39
N LEU A 124 -1.45 -18.24 -19.21
CA LEU A 124 -1.83 -17.36 -18.11
C LEU A 124 -2.00 -15.92 -18.57
N VAL A 125 -1.18 -15.50 -19.52
CA VAL A 125 -1.18 -14.13 -20.00
C VAL A 125 -1.80 -14.07 -21.39
N THR A 126 -3.08 -14.37 -21.49
CA THR A 126 -3.77 -14.35 -22.77
C THR A 126 -4.12 -12.92 -23.17
N GLY A 127 -4.58 -12.76 -24.41
CA GLY A 127 -5.09 -11.49 -24.85
C GLY A 127 -6.33 -11.03 -24.12
N THR A 128 -7.02 -11.96 -23.44
CA THR A 128 -8.18 -11.59 -22.64
C THR A 128 -7.74 -11.01 -21.30
N ARG A 129 -6.71 -11.59 -20.67
CA ARG A 129 -6.25 -11.09 -19.38
C ARG A 129 -5.28 -9.94 -19.54
N ALA A 130 -4.57 -9.86 -20.67
CA ALA A 130 -3.85 -8.63 -20.99
C ALA A 130 -4.82 -7.48 -21.23
N LYS A 131 -5.95 -7.77 -21.88
CA LYS A 131 -7.05 -6.82 -21.90
C LYS A 131 -7.58 -6.56 -20.49
N GLY A 132 -7.41 -7.54 -19.59
CA GLY A 132 -7.86 -7.38 -18.23
C GLY A 132 -6.86 -6.67 -17.34
N ILE A 133 -5.59 -7.08 -17.39
CA ILE A 133 -4.57 -6.49 -16.52
C ILE A 133 -4.46 -4.99 -16.76
N ILE A 134 -4.50 -4.58 -18.03
CA ILE A 134 -4.45 -3.16 -18.36
C ILE A 134 -5.66 -2.44 -17.76
N ALA A 135 -6.83 -3.07 -17.78
CA ALA A 135 -8.00 -2.47 -17.16
C ALA A 135 -7.82 -2.33 -15.66
N ILE A 136 -7.13 -3.28 -15.03
CA ILE A 136 -6.82 -3.16 -13.60
C ILE A 136 -5.97 -1.93 -13.36
N CYS A 137 -4.92 -1.74 -14.17
CA CYS A 137 -4.05 -0.58 -14.00
C CYS A 137 -4.83 0.71 -14.16
N TRP A 138 -5.81 0.73 -15.07
CA TRP A 138 -6.57 1.95 -15.32
C TRP A 138 -7.64 2.18 -14.26
N VAL A 139 -8.29 1.11 -13.80
CA VAL A 139 -9.26 1.25 -12.72
C VAL A 139 -8.57 1.63 -11.42
N LEU A 140 -7.31 1.19 -11.25
CA LEU A 140 -6.53 1.65 -10.09
C LEU A 140 -6.34 3.16 -10.12
N SER A 141 -6.05 3.70 -11.32
CA SER A 141 -5.75 5.13 -11.42
C SER A 141 -6.93 5.99 -11.00
N PHE A 142 -8.13 5.66 -11.49
CA PHE A 142 -9.32 6.43 -11.11
C PHE A 142 -9.61 6.30 -9.62
N ALA A 143 -9.42 5.11 -9.05
CA ALA A 143 -9.65 4.92 -7.63
C ALA A 143 -8.68 5.72 -6.77
N ILE A 144 -7.51 6.05 -7.30
CA ILE A 144 -6.52 6.84 -6.58
C ILE A 144 -6.58 8.31 -6.96
N GLY A 145 -6.61 8.60 -8.26
CA GLY A 145 -6.61 9.98 -8.71
C GLY A 145 -7.87 10.74 -8.32
N LEU A 146 -9.00 10.05 -8.26
CA LEU A 146 -10.27 10.67 -7.89
C LEU A 146 -10.59 10.48 -6.41
N THR A 147 -9.58 10.41 -5.57
CA THR A 147 -9.78 10.46 -4.12
C THR A 147 -9.98 11.91 -3.66
N PRO A 148 -9.16 12.88 -4.13
CA PRO A 148 -9.41 14.27 -3.71
C PRO A 148 -10.76 14.82 -4.16
N MET A 149 -11.22 14.47 -5.35
CA MET A 149 -12.53 14.96 -5.79
C MET A 149 -13.66 14.41 -4.95
N LEU A 150 -13.45 13.30 -4.25
CA LEU A 150 -14.46 12.71 -3.39
C LEU A 150 -14.42 13.26 -1.96
N GLY A 151 -13.57 14.25 -1.69
CA GLY A 151 -13.56 14.85 -0.38
C GLY A 151 -12.18 15.26 0.12
N TRP A 152 -11.17 14.43 -0.13
CA TRP A 152 -9.81 14.70 0.35
C TRP A 152 -9.11 15.74 -0.51
N ASN A 153 -9.73 16.93 -0.56
CA ASN A 153 -9.13 18.07 -1.25
C ASN A 153 -8.82 19.18 -0.27
N ASN A 154 -8.95 20.44 -0.70
CA ASN A 154 -8.47 21.57 0.09
C ASN A 154 -9.47 22.70 0.28
N CYS A 155 -10.56 22.78 -0.48
CA CYS A 155 -11.47 23.92 -0.36
C CYS A 155 -12.59 23.67 0.64
N GLY A 156 -12.23 23.15 1.82
CA GLY A 156 -13.14 23.18 2.94
C GLY A 156 -13.21 24.59 3.48
N GLN A 157 -12.08 25.08 3.98
CA GLN A 157 -11.94 26.47 4.40
C GLN A 157 -10.46 26.82 4.60
N GLY A 167 -7.92 37.47 -2.86
CA GLY A 167 -7.18 37.23 -4.08
C GLY A 167 -8.03 37.27 -5.33
N CYS A 168 -9.09 36.45 -5.35
CA CYS A 168 -10.01 36.39 -6.47
C CYS A 168 -11.47 36.53 -6.05
N GLY A 169 -11.73 36.83 -4.78
CA GLY A 169 -13.08 36.79 -4.27
C GLY A 169 -13.38 35.47 -3.61
N GLU A 170 -14.67 35.24 -3.38
CA GLU A 170 -15.09 34.02 -2.71
C GLU A 170 -15.13 32.85 -3.69
N GLY A 171 -14.90 31.65 -3.16
CA GLY A 171 -15.05 30.42 -3.90
C GLY A 171 -14.04 30.16 -5.01
N GLN A 172 -13.09 31.08 -5.23
CA GLN A 172 -12.12 30.94 -6.30
C GLN A 172 -10.72 31.10 -5.72
N VAL A 173 -9.92 30.04 -5.84
CA VAL A 173 -8.56 30.04 -5.35
C VAL A 173 -7.61 30.28 -6.51
N ALA A 174 -6.38 30.66 -6.18
CA ALA A 174 -5.31 30.72 -7.18
C ALA A 174 -5.06 29.31 -7.67
N CYS A 175 -5.48 29.02 -8.91
CA CYS A 175 -5.43 27.65 -9.41
C CYS A 175 -4.01 27.13 -9.51
N LEU A 176 -3.42 26.80 -8.36
CA LEU A 176 -2.14 26.11 -8.30
C LEU A 176 -2.37 24.67 -7.88
N PHE A 177 -1.33 23.85 -8.02
CA PHE A 177 -1.45 22.45 -7.63
C PHE A 177 -1.67 22.31 -6.13
N GLU A 178 -0.77 22.89 -5.34
CA GLU A 178 -0.83 22.79 -3.89
C GLU A 178 -1.99 23.56 -3.29
N ASP A 179 -2.84 24.20 -4.12
CA ASP A 179 -4.00 24.94 -3.63
C ASP A 179 -5.29 24.15 -3.74
N VAL A 180 -5.26 22.95 -4.32
CA VAL A 180 -6.45 22.14 -4.50
C VAL A 180 -6.17 20.69 -4.15
N VAL A 181 -4.91 20.29 -4.27
CA VAL A 181 -4.47 18.93 -3.94
C VAL A 181 -3.72 18.98 -2.62
N PRO A 182 -4.18 18.31 -1.58
CA PRO A 182 -3.48 18.33 -0.29
C PRO A 182 -2.07 17.77 -0.42
N MET A 183 -1.27 18.01 0.62
CA MET A 183 0.08 17.48 0.67
C MET A 183 0.19 16.18 1.44
N ASN A 184 -0.71 15.93 2.40
CA ASN A 184 -0.80 14.60 2.99
C ASN A 184 -1.39 13.60 2.01
N TYR A 185 -2.02 14.07 0.94
CA TYR A 185 -2.43 13.18 -0.15
C TYR A 185 -1.24 12.85 -1.05
N MET A 186 -0.36 13.83 -1.28
CA MET A 186 0.79 13.65 -2.16
C MET A 186 2.00 13.07 -1.44
N VAL A 187 1.90 12.74 -0.17
CA VAL A 187 2.98 12.10 0.56
C VAL A 187 2.49 10.81 1.19
N TYR A 188 1.56 10.93 2.15
CA TYR A 188 1.06 9.76 2.87
C TYR A 188 0.36 8.76 1.95
N PHE A 189 -0.01 9.16 0.74
CA PHE A 189 -0.87 8.32 -0.08
C PHE A 189 -0.39 8.19 -1.51
N ASN A 190 -0.25 9.31 -2.23
CA ASN A 190 0.02 9.23 -3.67
C ASN A 190 1.46 8.82 -3.95
N PHE A 191 2.41 9.26 -3.12
CA PHE A 191 3.80 8.83 -3.32
C PHE A 191 4.03 7.44 -2.74
N PHE A 192 3.60 7.22 -1.49
CA PHE A 192 3.81 5.95 -0.81
C PHE A 192 3.32 4.76 -1.62
N ALA A 193 2.34 4.97 -2.50
CA ALA A 193 1.65 3.88 -3.17
C ALA A 193 1.73 3.93 -4.69
N CYS A 194 2.01 5.09 -5.29
CA CYS A 194 1.98 5.21 -6.74
C CYS A 194 3.31 5.69 -7.34
N VAL A 195 4.38 5.68 -6.56
CA VAL A 195 5.71 5.97 -7.06
C VAL A 195 6.68 5.03 -6.38
N LEU A 196 6.56 4.90 -5.05
CA LEU A 196 7.47 4.03 -4.31
C LEU A 196 7.15 2.56 -4.55
N VAL A 197 5.87 2.18 -4.43
CA VAL A 197 5.48 0.80 -4.69
C VAL A 197 5.73 0.40 -6.14
N PRO A 198 5.27 1.15 -7.15
CA PRO A 198 5.55 0.74 -8.54
C PRO A 198 7.04 0.67 -8.86
N LEU A 199 7.86 1.54 -8.26
CA LEU A 199 9.28 1.52 -8.57
C LEU A 199 10.00 0.36 -7.88
N LEU A 200 9.65 0.10 -6.62
CA LEU A 200 10.32 -0.98 -5.89
C LEU A 200 9.94 -2.35 -6.44
N LEU A 201 8.72 -2.50 -6.95
CA LEU A 201 8.33 -3.74 -7.62
C LEU A 201 9.22 -4.00 -8.82
N MET A 202 9.27 -3.06 -9.77
CA MET A 202 10.15 -3.19 -10.92
C MET A 202 11.61 -3.32 -10.52
N LEU A 203 11.98 -2.88 -9.33
CA LEU A 203 13.33 -3.13 -8.84
C LEU A 203 13.52 -4.60 -8.51
N GLY A 204 12.58 -5.19 -7.76
CA GLY A 204 12.64 -6.61 -7.48
C GLY A 204 12.52 -7.46 -8.74
N VAL A 205 11.74 -7.00 -9.71
CA VAL A 205 11.65 -7.70 -10.99
C VAL A 205 13.02 -7.76 -11.65
N TYR A 206 13.72 -6.63 -11.70
CA TYR A 206 15.08 -6.62 -12.23
C TYR A 206 16.01 -7.49 -11.39
N LEU A 207 15.84 -7.45 -10.06
CA LEU A 207 16.74 -8.18 -9.18
C LEU A 207 16.59 -9.69 -9.36
N ARG A 208 15.35 -10.18 -9.40
CA ARG A 208 15.15 -11.62 -9.55
C ARG A 208 15.50 -12.10 -10.95
N ILE A 209 15.38 -11.22 -11.96
CA ILE A 209 15.81 -11.59 -13.30
C ILE A 209 17.33 -11.55 -13.40
N PHE A 210 17.96 -10.56 -12.76
CA PHE A 210 19.42 -10.47 -12.79
C PHE A 210 20.07 -11.65 -12.09
N LEU A 211 19.43 -12.17 -11.04
CA LEU A 211 19.94 -13.36 -10.36
C LEU A 211 19.51 -14.65 -11.06
N ALA A 212 18.53 -14.58 -11.96
CA ALA A 212 18.13 -15.77 -12.71
C ALA A 212 19.19 -16.19 -13.71
N ALA A 213 19.94 -15.23 -14.25
CA ALA A 213 20.98 -15.56 -15.22
C ALA A 213 22.12 -16.31 -14.54
N ARG A 214 22.56 -15.84 -13.37
CA ARG A 214 23.74 -16.42 -12.72
C ARG A 214 23.47 -17.85 -12.26
N ARG A 215 22.21 -18.20 -11.98
CA ARG A 215 21.90 -19.56 -11.55
C ARG A 215 21.68 -20.50 -12.72
N GLN A 216 21.11 -20.02 -13.82
CA GLN A 216 21.02 -20.83 -15.04
C GLN A 216 22.35 -20.94 -15.75
N LEU A 217 23.25 -19.99 -15.52
CA LEU A 217 24.59 -20.05 -16.10
C LEU A 217 25.47 -21.04 -15.34
N ALA A 218 25.45 -20.97 -14.01
CA ALA A 218 26.37 -21.77 -13.21
C ALA A 218 26.12 -23.26 -13.38
N ASP A 219 24.90 -23.71 -13.05
CA ASP A 219 24.62 -25.15 -13.05
C ASP A 219 24.81 -25.78 -14.42
N LEU A 220 24.70 -25.01 -15.51
CA LEU A 220 25.03 -25.57 -16.82
C LEU A 220 26.54 -25.62 -17.04
N GLU A 221 27.21 -24.48 -16.98
CA GLU A 221 28.68 -24.50 -17.06
C GLU A 221 29.29 -25.47 -16.07
N ASP A 222 28.53 -25.85 -15.03
CA ASP A 222 28.89 -26.97 -14.17
C ASP A 222 28.62 -28.31 -14.87
N ASN A 223 27.37 -28.54 -15.26
CA ASN A 223 27.00 -29.79 -15.91
C ASN A 223 27.85 -30.04 -17.16
N TRP A 224 28.07 -28.99 -17.96
CA TRP A 224 28.87 -29.16 -19.17
C TRP A 224 30.30 -29.55 -18.84
N GLU A 225 30.92 -28.87 -17.87
CA GLU A 225 32.30 -29.16 -17.52
C GLU A 225 32.42 -30.51 -16.83
N THR A 226 31.48 -30.84 -15.94
CA THR A 226 31.43 -32.18 -15.36
C THR A 226 31.31 -33.21 -16.46
N LEU A 227 30.58 -32.89 -17.53
CA LEU A 227 30.41 -33.82 -18.64
C LEU A 227 31.65 -33.84 -19.54
N ASN A 228 32.18 -32.66 -19.88
CA ASN A 228 33.40 -32.61 -20.70
C ASN A 228 34.53 -33.40 -20.06
N ASP A 229 34.73 -33.20 -18.75
CA ASP A 229 35.88 -33.81 -18.09
C ASP A 229 35.80 -35.33 -18.13
N ASN A 230 34.67 -35.90 -17.69
CA ASN A 230 34.55 -37.35 -17.61
C ASN A 230 34.75 -38.02 -18.96
N LEU A 231 34.23 -37.42 -20.03
CA LEU A 231 34.47 -37.98 -21.35
C LEU A 231 35.91 -37.75 -21.78
N LYS A 232 36.42 -36.53 -21.59
CA LYS A 232 37.85 -36.29 -21.78
C LYS A 232 38.68 -37.24 -20.93
N VAL A 233 38.20 -37.58 -19.73
CA VAL A 233 38.71 -38.77 -19.05
C VAL A 233 38.51 -39.99 -19.93
N ILE A 234 37.25 -40.33 -20.22
CA ILE A 234 36.93 -41.57 -20.93
C ILE A 234 37.77 -41.75 -22.20
N GLU A 235 38.03 -40.66 -22.92
CA GLU A 235 38.93 -40.72 -24.06
C GLU A 235 40.27 -41.31 -23.65
N LYS A 236 41.01 -40.60 -22.81
CA LYS A 236 42.26 -41.11 -22.27
C LYS A 236 42.06 -41.95 -21.02
N ALA A 237 40.84 -42.34 -20.72
CA ALA A 237 40.62 -43.18 -19.55
C ALA A 237 41.32 -44.51 -19.73
N ASP A 238 41.80 -45.03 -18.61
CA ASP A 238 42.57 -46.24 -18.62
C ASP A 238 41.68 -47.46 -18.78
N ASN A 239 42.34 -48.60 -18.89
CA ASN A 239 41.71 -49.88 -18.65
C ASN A 239 41.29 -49.98 -17.19
N ALA A 240 40.27 -50.82 -16.96
CA ALA A 240 39.66 -51.20 -15.68
C ALA A 240 38.35 -50.45 -15.45
N ALA A 241 37.82 -50.58 -14.23
CA ALA A 241 36.52 -50.05 -13.87
C ALA A 241 36.53 -48.55 -13.63
N GLN A 242 37.69 -47.89 -13.72
CA GLN A 242 37.73 -46.45 -13.55
C GLN A 242 36.88 -45.74 -14.59
N VAL A 243 36.73 -46.33 -15.77
CA VAL A 243 35.83 -45.77 -16.77
C VAL A 243 34.38 -45.85 -16.31
N LYS A 244 34.04 -46.90 -15.56
CA LYS A 244 32.67 -47.04 -15.07
C LYS A 244 32.37 -46.00 -13.99
N ASP A 245 33.36 -45.67 -13.17
CA ASP A 245 33.18 -44.60 -12.20
C ASP A 245 32.93 -43.26 -12.88
N ALA A 246 33.61 -43.01 -14.00
CA ALA A 246 33.44 -41.74 -14.70
C ALA A 246 32.05 -41.62 -15.31
N LEU A 247 31.53 -42.72 -15.87
CA LEU A 247 30.18 -42.69 -16.45
C LEU A 247 29.12 -42.37 -15.40
N THR A 248 29.31 -42.85 -14.17
CA THR A 248 28.32 -42.61 -13.13
C THR A 248 28.17 -41.12 -12.85
N LYS A 249 29.27 -40.36 -12.90
CA LYS A 249 29.18 -38.92 -12.70
C LYS A 249 28.45 -38.25 -13.87
N MET A 250 28.70 -38.72 -15.09
CA MET A 250 28.02 -38.15 -16.25
C MET A 250 26.52 -38.37 -16.18
N ARG A 251 26.10 -39.55 -15.73
CA ARG A 251 24.68 -39.83 -15.58
C ARG A 251 24.04 -38.87 -14.58
N ALA A 252 24.69 -38.67 -13.43
CA ALA A 252 24.15 -37.78 -12.42
C ALA A 252 24.10 -36.34 -12.93
N ALA A 253 25.13 -35.92 -13.68
CA ALA A 253 25.12 -34.57 -14.24
C ALA A 253 24.04 -34.43 -15.31
N ALA A 254 23.86 -35.45 -16.14
CA ALA A 254 22.80 -35.41 -17.15
C ALA A 254 21.43 -35.35 -16.49
N LEU A 255 21.26 -35.99 -15.34
CA LEU A 255 19.99 -35.91 -14.62
C LEU A 255 19.78 -34.51 -14.04
N ASP A 256 20.85 -33.86 -13.60
CA ASP A 256 20.72 -32.50 -13.09
C ASP A 256 20.36 -31.52 -14.20
N ALA A 257 20.99 -31.66 -15.37
CA ALA A 257 20.66 -30.80 -16.49
C ALA A 257 19.24 -31.04 -16.98
N GLN A 258 18.80 -32.31 -16.96
CA GLN A 258 17.42 -32.63 -17.31
C GLN A 258 16.44 -32.05 -16.29
N LYS A 259 16.86 -31.96 -15.03
CA LYS A 259 15.98 -31.43 -13.99
C LYS A 259 15.72 -29.95 -14.20
N ALA A 260 16.78 -29.17 -14.48
CA ALA A 260 16.68 -27.72 -14.57
C ALA A 260 15.97 -27.30 -15.85
N THR A 261 15.43 -28.28 -16.58
CA THR A 261 14.83 -27.99 -17.87
C THR A 261 14.00 -29.15 -18.38
N ASP A 277 10.24 -32.67 -27.79
CA ASP A 277 11.23 -31.68 -28.18
C ASP A 277 12.49 -31.79 -27.34
N PHE A 278 12.60 -30.88 -26.37
CA PHE A 278 13.81 -30.78 -25.56
C PHE A 278 13.90 -31.94 -24.57
N ARG A 279 12.82 -32.19 -23.82
CA ARG A 279 12.81 -33.31 -22.89
C ARG A 279 12.96 -34.65 -23.59
N HIS A 280 12.66 -34.72 -24.89
CA HIS A 280 12.88 -35.94 -25.65
C HIS A 280 14.37 -36.22 -25.83
N GLY A 281 15.16 -35.18 -26.13
CA GLY A 281 16.58 -35.36 -26.36
C GLY A 281 17.35 -35.81 -25.14
N PHE A 282 16.82 -35.54 -23.94
CA PHE A 282 17.53 -35.94 -22.72
C PHE A 282 17.33 -37.41 -22.42
N ASP A 283 16.11 -37.92 -22.61
CA ASP A 283 15.84 -39.33 -22.33
C ASP A 283 16.62 -40.24 -23.27
N ILE A 284 16.86 -39.79 -24.51
CA ILE A 284 17.75 -40.54 -25.39
C ILE A 284 19.19 -40.40 -24.93
N LEU A 285 19.58 -39.19 -24.51
CA LEU A 285 20.91 -38.99 -23.95
C LEU A 285 21.10 -39.85 -22.70
N VAL A 286 20.17 -39.78 -21.77
CA VAL A 286 20.19 -40.68 -20.62
C VAL A 286 20.14 -42.13 -21.08
N GLY A 287 19.38 -42.39 -22.15
CA GLY A 287 19.37 -43.72 -22.72
C GLY A 287 20.72 -44.12 -23.29
N GLN A 288 21.42 -43.18 -23.92
CA GLN A 288 22.73 -43.50 -24.47
C GLN A 288 23.77 -43.72 -23.38
N ILE A 289 23.64 -43.04 -22.24
CA ILE A 289 24.58 -43.26 -21.15
C ILE A 289 24.35 -44.63 -20.53
N ASP A 290 23.10 -45.08 -20.48
CA ASP A 290 22.82 -46.42 -19.99
C ASP A 290 23.21 -47.47 -21.03
N ASP A 291 23.05 -47.16 -22.32
CA ASP A 291 23.59 -48.03 -23.36
C ASP A 291 25.10 -48.14 -23.22
N ALA A 292 25.78 -47.02 -22.97
CA ALA A 292 27.21 -47.03 -22.70
C ALA A 292 27.55 -47.67 -21.36
N LEU A 293 26.58 -47.87 -20.49
CA LEU A 293 26.86 -48.32 -19.13
C LEU A 293 27.09 -49.84 -19.08
N LYS A 294 26.16 -50.61 -19.66
CA LYS A 294 26.29 -52.07 -19.63
C LYS A 294 27.54 -52.52 -20.40
N LEU A 295 27.78 -51.94 -21.57
CA LEU A 295 28.97 -52.26 -22.33
C LEU A 295 30.24 -51.93 -21.54
N ALA A 296 30.20 -50.87 -20.73
CA ALA A 296 31.35 -50.52 -19.91
C ALA A 296 31.50 -51.43 -18.71
N ASN A 297 30.47 -52.19 -18.36
CA ASN A 297 30.52 -53.07 -17.20
C ASN A 297 31.27 -54.37 -17.46
N GLU A 298 31.57 -54.70 -18.72
CA GLU A 298 32.09 -56.02 -19.08
C GLU A 298 33.42 -55.95 -19.79
N GLY A 299 33.50 -55.33 -20.97
CA GLY A 299 34.74 -55.23 -21.70
C GLY A 299 35.13 -53.80 -22.02
N LYS A 300 36.19 -53.31 -21.39
CA LYS A 300 36.47 -51.88 -21.39
C LYS A 300 36.98 -51.37 -22.73
N VAL A 301 38.07 -51.97 -23.24
CA VAL A 301 38.86 -51.34 -24.30
C VAL A 301 38.01 -50.98 -25.51
N LYS A 302 37.08 -51.83 -25.88
CA LYS A 302 36.32 -51.66 -27.12
C LYS A 302 34.90 -51.16 -26.90
N GLU A 303 34.25 -51.59 -25.83
CA GLU A 303 32.81 -51.30 -25.68
C GLU A 303 32.57 -49.87 -25.23
N ALA A 304 33.42 -49.32 -24.37
CA ALA A 304 33.19 -47.99 -23.85
C ALA A 304 33.47 -46.92 -24.89
N GLN A 305 34.34 -47.19 -25.85
CA GLN A 305 34.83 -46.14 -26.73
C GLN A 305 33.78 -45.65 -27.70
N ALA A 306 32.95 -46.56 -28.24
CA ALA A 306 32.01 -46.19 -29.28
C ALA A 306 30.95 -45.22 -28.78
N ALA A 307 30.21 -45.63 -27.74
CA ALA A 307 29.09 -44.82 -27.26
C ALA A 307 29.57 -43.52 -26.63
N ALA A 308 30.60 -43.59 -25.80
CA ALA A 308 31.06 -42.40 -25.09
C ALA A 308 31.62 -41.36 -26.06
N GLU A 309 32.37 -41.81 -27.07
CA GLU A 309 32.93 -40.86 -28.04
C GLU A 309 31.82 -40.14 -28.80
N GLN A 310 30.70 -40.80 -29.04
CA GLN A 310 29.57 -40.12 -29.66
C GLN A 310 28.76 -39.30 -28.65
N LEU A 311 29.08 -39.39 -27.35
CA LEU A 311 28.59 -38.42 -26.38
C LEU A 311 29.45 -37.17 -26.32
N LYS A 312 30.52 -37.09 -27.13
CA LYS A 312 31.20 -35.83 -27.39
C LYS A 312 30.35 -34.96 -28.29
N THR A 313 30.40 -33.66 -28.02
CA THR A 313 29.57 -32.65 -28.69
C THR A 313 29.41 -32.93 -30.18
N THR A 314 30.47 -33.40 -30.83
CA THR A 314 30.41 -33.65 -32.27
C THR A 314 29.30 -34.65 -32.61
N ARG A 315 29.45 -35.90 -32.20
CA ARG A 315 28.44 -36.90 -32.55
C ARG A 315 27.29 -36.93 -31.54
N ASN A 316 27.14 -35.90 -30.72
CA ASN A 316 26.11 -35.83 -29.68
C ASN A 316 25.06 -34.80 -30.10
N ALA A 317 24.02 -35.28 -30.81
CA ALA A 317 23.01 -34.36 -31.31
C ALA A 317 22.23 -33.73 -30.18
N TYR A 318 21.92 -34.51 -29.14
CA TYR A 318 21.06 -34.02 -28.07
C TYR A 318 21.76 -32.98 -27.21
N ILE A 319 23.06 -33.15 -26.95
CA ILE A 319 23.82 -32.13 -26.24
C ILE A 319 23.89 -30.86 -27.06
N GLN A 320 23.98 -30.99 -28.39
CA GLN A 320 24.13 -29.81 -29.24
C GLN A 320 22.85 -29.00 -29.27
N LYS A 321 21.71 -29.69 -29.34
CA LYS A 321 20.42 -29.00 -29.20
C LYS A 321 20.28 -28.39 -27.81
N TYR A 322 20.81 -29.07 -26.79
CA TYR A 322 20.66 -28.57 -25.43
C TYR A 322 21.47 -27.29 -25.21
N LEU A 323 22.71 -27.26 -25.69
CA LEU A 323 23.53 -26.06 -25.55
C LEU A 323 22.96 -24.90 -26.34
N GLU A 324 22.32 -25.18 -27.48
CA GLU A 324 21.74 -24.11 -28.30
C GLU A 324 20.62 -23.39 -27.56
N ARG A 325 19.85 -24.11 -26.76
CA ARG A 325 18.76 -23.48 -26.02
C ARG A 325 19.30 -22.56 -24.94
N ALA A 326 20.26 -23.03 -24.15
CA ALA A 326 20.77 -22.24 -23.05
C ALA A 326 21.48 -20.99 -23.55
N ARG A 327 22.22 -21.10 -24.66
CA ARG A 327 22.82 -19.93 -25.26
C ARG A 327 21.75 -18.93 -25.70
N SER A 328 20.61 -19.43 -26.16
CA SER A 328 19.54 -18.54 -26.61
C SER A 328 18.87 -17.85 -25.44
N THR A 329 18.53 -18.61 -24.39
CA THR A 329 17.76 -18.03 -23.28
C THR A 329 18.61 -17.10 -22.43
N LEU A 330 19.90 -17.39 -22.27
CA LEU A 330 20.71 -16.66 -21.31
C LEU A 330 20.83 -15.18 -21.68
N GLN A 331 21.44 -14.88 -22.81
CA GLN A 331 21.62 -13.49 -23.19
C GLN A 331 20.35 -12.83 -23.70
N LYS A 332 19.24 -13.57 -23.80
CA LYS A 332 17.96 -12.94 -24.10
C LYS A 332 17.37 -12.26 -22.87
N GLU A 333 17.47 -12.90 -21.71
CA GLU A 333 16.96 -12.30 -20.48
C GLU A 333 17.90 -11.26 -19.90
N VAL A 334 19.20 -11.30 -20.24
CA VAL A 334 20.10 -10.25 -19.79
C VAL A 334 19.83 -8.95 -20.54
N HIS A 335 19.54 -9.04 -21.84
CA HIS A 335 19.11 -7.86 -22.58
C HIS A 335 17.72 -7.42 -22.17
N ALA A 336 16.96 -8.30 -21.51
CA ALA A 336 15.73 -7.92 -20.83
C ALA A 336 15.95 -7.66 -19.35
N ALA A 337 17.18 -7.84 -18.86
CA ALA A 337 17.57 -7.39 -17.53
C ALA A 337 18.19 -6.00 -17.59
N LYS A 338 19.11 -5.78 -18.53
CA LYS A 338 19.58 -4.43 -18.80
C LYS A 338 18.44 -3.54 -19.27
N SER A 339 17.47 -4.11 -20.00
CA SER A 339 16.28 -3.33 -20.37
C SER A 339 15.50 -2.88 -19.15
N LEU A 340 15.57 -3.64 -18.05
CA LEU A 340 14.85 -3.29 -16.82
C LEU A 340 15.68 -2.39 -15.92
N ALA A 341 17.00 -2.62 -15.82
CA ALA A 341 17.86 -1.67 -15.12
C ALA A 341 17.75 -0.28 -15.74
N ILE A 342 17.46 -0.22 -17.04
CA ILE A 342 17.22 1.07 -17.69
C ILE A 342 15.82 1.58 -17.38
N ILE A 343 14.82 0.71 -17.44
CA ILE A 343 13.45 1.13 -17.10
C ILE A 343 13.38 1.61 -15.65
N VAL A 344 14.05 0.90 -14.74
CA VAL A 344 14.05 1.32 -13.34
C VAL A 344 14.90 2.59 -13.17
N GLY A 345 16.06 2.64 -13.82
CA GLY A 345 16.92 3.81 -13.70
C GLY A 345 16.28 5.07 -14.25
N LEU A 346 15.63 4.96 -15.41
CA LEU A 346 14.93 6.12 -15.97
C LEU A 346 13.75 6.52 -15.09
N PHE A 347 13.08 5.54 -14.48
CA PHE A 347 11.90 5.86 -13.68
C PHE A 347 12.26 6.55 -12.37
N ALA A 348 13.33 6.11 -11.72
CA ALA A 348 13.75 6.73 -10.47
C ALA A 348 14.42 8.08 -10.70
N LEU A 349 15.01 8.29 -11.88
CA LEU A 349 15.67 9.55 -12.19
C LEU A 349 14.69 10.70 -12.36
N CYS A 350 13.39 10.44 -12.37
CA CYS A 350 12.42 11.48 -12.72
C CYS A 350 11.33 11.63 -11.67
N TRP A 351 10.74 10.51 -11.24
CA TRP A 351 9.67 10.56 -10.25
C TRP A 351 10.18 10.71 -8.82
N LEU A 352 11.49 10.70 -8.62
CA LEU A 352 12.03 10.96 -7.29
C LEU A 352 12.11 12.46 -6.98
N PRO A 353 12.79 13.27 -7.80
CA PRO A 353 12.99 14.68 -7.41
C PRO A 353 11.69 15.43 -7.14
N LEU A 354 10.59 15.05 -7.79
CA LEU A 354 9.31 15.71 -7.51
C LEU A 354 8.81 15.36 -6.12
N HIS A 355 8.62 14.06 -5.85
CA HIS A 355 8.05 13.64 -4.58
C HIS A 355 9.05 13.67 -3.43
N ILE A 356 10.35 13.67 -3.73
CA ILE A 356 11.33 13.92 -2.68
C ILE A 356 11.19 15.35 -2.14
N ILE A 357 10.94 16.29 -3.04
CA ILE A 357 10.70 17.67 -2.62
C ILE A 357 9.30 17.81 -2.00
N ASN A 358 8.33 17.03 -2.49
CA ASN A 358 7.01 17.02 -1.87
C ASN A 358 7.10 16.62 -0.41
N CYS A 359 7.96 15.64 -0.09
CA CYS A 359 8.12 15.20 1.28
C CYS A 359 8.85 16.25 2.12
N PHE A 360 9.82 16.95 1.52
CA PHE A 360 10.58 17.94 2.27
C PHE A 360 9.72 19.14 2.62
N THR A 361 8.82 19.54 1.72
CA THR A 361 7.89 20.62 2.00
C THR A 361 6.76 20.19 2.92
N PHE A 362 6.56 18.89 3.11
CA PHE A 362 5.50 18.37 3.96
C PHE A 362 5.97 18.01 5.37
N PHE A 363 7.15 17.41 5.50
CA PHE A 363 7.71 17.05 6.80
C PHE A 363 8.67 18.10 7.35
N CYS A 364 9.10 19.06 6.53
CA CYS A 364 10.04 20.09 6.94
C CYS A 364 9.71 21.39 6.21
N PRO A 365 8.51 21.94 6.40
CA PRO A 365 8.12 23.12 5.60
C PRO A 365 8.93 24.36 5.93
N ASP A 366 9.51 24.44 7.13
CA ASP A 366 10.25 25.64 7.52
C ASP A 366 11.67 25.64 6.97
N CYS A 367 12.32 24.47 6.92
CA CYS A 367 13.73 24.42 6.56
C CYS A 367 13.91 24.73 5.07
N SER A 368 15.17 24.74 4.64
CA SER A 368 15.56 25.35 3.37
C SER A 368 14.77 24.77 2.20
N HIS A 369 14.50 25.63 1.23
CA HIS A 369 13.72 25.26 0.05
C HIS A 369 14.64 24.96 -1.12
N ALA A 370 14.14 24.17 -2.05
CA ALA A 370 14.76 24.16 -3.36
C ALA A 370 14.26 25.36 -4.16
N PRO A 371 15.15 26.03 -4.91
CA PRO A 371 14.74 27.25 -5.61
C PRO A 371 13.64 27.03 -6.64
N LEU A 372 13.18 28.12 -7.25
CA LEU A 372 12.03 28.06 -8.15
C LEU A 372 12.29 27.14 -9.34
N TRP A 373 13.42 27.35 -10.03
CA TRP A 373 13.70 26.58 -11.23
C TRP A 373 13.93 25.11 -10.91
N LEU A 374 14.57 24.82 -9.77
CA LEU A 374 14.88 23.43 -9.42
C LEU A 374 13.63 22.66 -9.05
N MET A 375 12.71 23.29 -8.30
CA MET A 375 11.43 22.65 -8.04
C MET A 375 10.65 22.45 -9.32
N TYR A 376 10.64 23.45 -10.21
CA TYR A 376 9.99 23.29 -11.50
C TYR A 376 10.73 22.31 -12.40
N LEU A 377 12.05 22.21 -12.25
CA LEU A 377 12.78 21.18 -12.98
C LEU A 377 12.28 19.79 -12.61
N ALA A 378 12.01 19.56 -11.32
CA ALA A 378 11.49 18.27 -10.88
C ALA A 378 10.15 17.95 -11.54
N ILE A 379 9.36 18.98 -11.86
CA ILE A 379 8.13 18.74 -12.60
C ILE A 379 8.44 18.28 -14.02
N VAL A 380 9.44 18.91 -14.65
CA VAL A 380 9.80 18.54 -16.02
C VAL A 380 10.42 17.16 -16.05
N LEU A 381 11.27 16.83 -15.06
CA LEU A 381 11.84 15.50 -14.96
C LEU A 381 10.75 14.43 -14.95
N SER A 382 9.81 14.54 -14.00
CA SER A 382 8.73 13.57 -13.92
C SER A 382 7.89 13.50 -15.19
N HIS A 383 7.95 14.53 -16.03
CA HIS A 383 7.27 14.50 -17.32
C HIS A 383 8.14 13.93 -18.43
N THR A 384 9.46 13.94 -18.26
CA THR A 384 10.34 13.39 -19.28
C THR A 384 10.25 11.87 -19.34
N ASN A 385 10.31 11.21 -18.17
CA ASN A 385 10.18 9.75 -18.14
C ASN A 385 8.88 9.30 -18.78
N SER A 386 7.81 10.06 -18.59
CA SER A 386 6.52 9.76 -19.18
C SER A 386 6.51 9.89 -20.69
N VAL A 387 7.63 10.10 -21.39
CA VAL A 387 7.61 10.22 -22.85
C VAL A 387 8.78 9.46 -23.46
N VAL A 388 9.70 8.98 -22.62
CA VAL A 388 10.90 8.31 -23.12
C VAL A 388 11.09 6.95 -22.45
N ASN A 389 10.05 6.40 -21.86
CA ASN A 389 10.22 5.14 -21.15
C ASN A 389 9.80 3.94 -22.00
N PRO A 390 8.64 3.95 -22.67
CA PRO A 390 8.36 2.87 -23.61
C PRO A 390 9.36 2.84 -24.76
N PHE A 391 9.78 4.02 -25.21
CA PHE A 391 10.73 4.17 -26.30
C PHE A 391 12.02 3.39 -26.04
N ILE A 392 12.77 3.80 -25.02
CA ILE A 392 14.08 3.20 -24.76
C ILE A 392 13.95 1.69 -24.59
N TYR A 393 12.89 1.24 -23.91
CA TYR A 393 12.66 -0.19 -23.78
C TYR A 393 12.30 -0.81 -25.12
N ALA A 394 11.36 -0.19 -25.86
CA ALA A 394 11.03 -0.71 -27.18
C ALA A 394 12.20 -0.56 -28.15
N TYR A 395 12.94 0.54 -28.04
CA TYR A 395 14.08 0.74 -28.92
C TYR A 395 15.19 -0.27 -28.66
N ARG A 396 15.26 -0.82 -27.45
CA ARG A 396 16.22 -1.91 -27.20
C ARG A 396 15.78 -3.22 -27.85
N ILE A 397 14.48 -3.38 -28.11
CA ILE A 397 14.00 -4.55 -28.85
C ILE A 397 14.43 -4.41 -30.31
N ARG A 398 15.08 -5.44 -30.84
CA ARG A 398 15.61 -5.35 -32.20
C ARG A 398 14.50 -5.35 -33.25
N GLU A 399 13.38 -6.04 -32.97
CA GLU A 399 12.28 -6.05 -33.92
C GLU A 399 11.65 -4.67 -34.05
N PHE A 400 11.61 -3.89 -32.97
CA PHE A 400 11.15 -2.51 -33.05
C PHE A 400 12.11 -1.65 -33.86
N ARG A 401 13.42 -1.86 -33.69
CA ARG A 401 14.41 -0.94 -34.23
C ARG A 401 14.40 -0.94 -35.76
N GLN A 402 14.11 -2.07 -36.39
CA GLN A 402 13.99 -2.10 -37.85
C GLN A 402 12.67 -1.51 -38.32
N THR A 403 11.61 -1.67 -37.55
CA THR A 403 10.30 -1.17 -37.95
C THR A 403 10.22 0.36 -37.90
N PHE A 404 11.10 1.00 -37.13
CA PHE A 404 11.11 2.46 -37.09
C PHE A 404 11.78 3.05 -38.32
N ARG A 405 12.81 2.38 -38.85
CA ARG A 405 13.52 2.88 -40.01
C ARG A 405 12.73 2.66 -41.31
N LYS A 406 11.88 1.62 -41.34
CA LYS A 406 11.05 1.39 -42.52
C LYS A 406 9.96 2.45 -42.64
N ILE A 407 9.57 3.07 -41.53
CA ILE A 407 8.56 4.13 -41.57
C ILE A 407 9.14 5.42 -42.12
N ILE A 408 10.40 5.72 -41.79
CA ILE A 408 11.02 6.97 -42.19
C ILE A 408 11.16 7.05 -43.70
N ARG A 409 11.77 6.02 -44.30
CA ARG A 409 12.04 6.05 -45.73
C ARG A 409 10.75 6.10 -46.54
N SER A 410 9.67 5.51 -46.04
CA SER A 410 8.40 5.57 -46.75
C SER A 410 7.75 6.94 -46.61
N HIS A 411 7.78 7.52 -45.41
CA HIS A 411 7.27 8.87 -45.22
C HIS A 411 8.16 9.89 -45.94
N VAL A 412 9.47 9.85 -45.66
CA VAL A 412 10.40 10.70 -46.37
C VAL A 412 10.62 10.12 -47.76
N ILE B 12 -21.08 -34.67 16.13
CA ILE B 12 -21.42 -33.57 15.25
C ILE B 12 -20.39 -33.42 14.14
N MET B 13 -20.84 -32.97 12.98
CA MET B 13 -19.96 -32.83 11.82
C MET B 13 -19.04 -31.63 11.98
N GLY B 14 -17.96 -31.64 11.19
CA GLY B 14 -17.06 -30.50 11.15
C GLY B 14 -17.58 -29.34 10.34
N SER B 15 -18.48 -29.59 9.40
CA SER B 15 -19.12 -28.53 8.63
C SER B 15 -20.38 -28.01 9.28
N SER B 16 -21.14 -28.88 9.97
CA SER B 16 -22.34 -28.45 10.66
C SER B 16 -22.02 -27.50 11.80
N VAL B 17 -20.86 -27.68 12.45
CA VAL B 17 -20.47 -26.79 13.53
C VAL B 17 -20.03 -25.45 13.00
N TYR B 18 -19.28 -25.44 11.90
CA TYR B 18 -18.84 -24.19 11.29
C TYR B 18 -20.05 -23.32 10.90
N ILE B 19 -21.00 -23.92 10.19
CA ILE B 19 -22.15 -23.15 9.71
C ILE B 19 -23.03 -22.70 10.87
N THR B 20 -23.22 -23.57 11.87
CA THR B 20 -24.02 -23.20 13.03
C THR B 20 -23.40 -22.00 13.75
N VAL B 21 -22.08 -22.01 13.93
CA VAL B 21 -21.41 -20.87 14.57
C VAL B 21 -21.38 -19.67 13.63
N GLU B 22 -21.09 -19.91 12.35
CA GLU B 22 -20.96 -18.81 11.40
C GLU B 22 -22.29 -18.08 11.18
N LEU B 23 -23.41 -18.81 11.20
CA LEU B 23 -24.70 -18.15 11.07
C LEU B 23 -25.08 -17.38 12.34
N ALA B 24 -24.55 -17.79 13.50
CA ALA B 24 -24.82 -17.04 14.72
C ALA B 24 -24.20 -15.65 14.66
N ILE B 25 -22.97 -15.56 14.17
CA ILE B 25 -22.31 -14.25 14.05
C ILE B 25 -23.10 -13.33 13.13
N ALA B 26 -23.68 -13.90 12.05
CA ALA B 26 -24.50 -13.11 11.15
C ALA B 26 -25.71 -12.52 11.85
N VAL B 27 -26.28 -13.24 12.83
CA VAL B 27 -27.38 -12.69 13.60
C VAL B 27 -26.90 -11.55 14.48
N LEU B 28 -25.86 -11.78 15.29
CA LEU B 28 -25.30 -10.73 16.11
C LEU B 28 -24.83 -9.54 15.28
N ALA B 29 -24.42 -9.80 14.04
CA ALA B 29 -24.08 -8.71 13.12
C ALA B 29 -25.26 -7.77 12.93
N ILE B 30 -26.38 -8.31 12.48
CA ILE B 30 -27.55 -7.49 12.18
C ILE B 30 -28.14 -6.91 13.47
N LEU B 31 -28.18 -7.72 14.53
CA LEU B 31 -28.82 -7.26 15.77
C LEU B 31 -28.01 -6.16 16.44
N GLY B 32 -26.72 -6.40 16.68
CA GLY B 32 -25.92 -5.43 17.40
C GLY B 32 -25.76 -4.12 16.67
N ASN B 33 -25.90 -4.12 15.34
CA ASN B 33 -25.66 -2.92 14.55
C ASN B 33 -26.92 -2.16 14.20
N VAL B 34 -28.09 -2.80 14.18
CA VAL B 34 -29.33 -2.05 14.02
C VAL B 34 -29.71 -1.36 15.33
N LEU B 35 -29.36 -1.94 16.47
CA LEU B 35 -29.57 -1.26 17.75
C LEU B 35 -28.79 0.05 17.79
N VAL B 36 -27.54 0.04 17.30
CA VAL B 36 -26.81 1.28 17.17
C VAL B 36 -27.46 2.16 16.10
N CYS B 37 -27.88 1.56 14.99
CA CYS B 37 -28.64 2.30 13.98
C CYS B 37 -30.00 2.75 14.49
N TRP B 38 -30.44 2.24 15.64
CA TRP B 38 -31.65 2.69 16.30
C TRP B 38 -31.38 3.84 17.27
N ALA B 39 -30.28 3.75 18.02
CA ALA B 39 -29.97 4.77 19.02
C ALA B 39 -29.60 6.10 18.37
N VAL B 40 -29.04 6.07 17.15
CA VAL B 40 -28.69 7.32 16.49
C VAL B 40 -29.93 7.98 15.91
N TRP B 41 -30.88 7.18 15.39
CA TRP B 41 -32.08 7.75 14.80
C TRP B 41 -33.04 8.29 15.85
N LEU B 42 -32.92 7.85 17.11
CA LEU B 42 -33.79 8.33 18.18
C LEU B 42 -33.13 9.49 18.94
N ASN B 43 -32.08 9.20 19.68
CA ASN B 43 -31.42 10.20 20.50
C ASN B 43 -30.79 11.28 19.63
N SER B 44 -31.04 12.55 19.99
CA SER B 44 -30.54 13.66 19.21
C SER B 44 -29.06 13.92 19.47
N ASN B 45 -28.66 13.94 20.74
CA ASN B 45 -27.27 14.22 21.13
C ASN B 45 -26.28 13.15 20.67
N LEU B 46 -26.70 12.21 19.82
CA LEU B 46 -25.81 11.22 19.23
C LEU B 46 -25.65 11.40 17.73
N GLN B 47 -26.31 12.39 17.13
CA GLN B 47 -26.28 12.60 15.69
C GLN B 47 -25.15 13.52 15.26
N ASN B 48 -24.02 13.53 15.98
CA ASN B 48 -22.91 14.39 15.64
C ASN B 48 -22.17 13.82 14.43
N VAL B 49 -20.99 14.39 14.14
CA VAL B 49 -20.21 13.93 13.00
C VAL B 49 -19.56 12.58 13.30
N THR B 50 -18.99 12.45 14.51
CA THR B 50 -18.28 11.23 14.87
C THR B 50 -19.17 10.00 14.74
N ASN B 51 -20.43 10.11 15.11
CA ASN B 51 -21.33 8.97 15.12
C ASN B 51 -22.02 8.72 13.79
N TYR B 52 -21.87 9.61 12.81
CA TYR B 52 -22.29 9.24 11.46
C TYR B 52 -21.40 8.16 10.89
N PHE B 53 -20.11 8.17 11.26
CA PHE B 53 -19.21 7.10 10.86
C PHE B 53 -19.63 5.78 11.51
N VAL B 54 -20.10 5.84 12.74
CA VAL B 54 -20.63 4.65 13.39
C VAL B 54 -21.89 4.16 12.67
N VAL B 55 -22.69 5.09 12.16
CA VAL B 55 -23.84 4.71 11.36
C VAL B 55 -23.39 4.05 10.06
N SER B 56 -22.34 4.60 9.43
CA SER B 56 -21.85 4.03 8.18
C SER B 56 -21.10 2.73 8.40
N LEU B 57 -20.38 2.59 9.52
CA LEU B 57 -19.69 1.33 9.81
C LEU B 57 -20.71 0.23 10.12
N ALA B 58 -21.72 0.54 10.94
CA ALA B 58 -22.78 -0.42 11.18
C ALA B 58 -23.55 -0.74 9.90
N ALA B 59 -23.69 0.24 9.00
CA ALA B 59 -24.33 -0.02 7.71
C ALA B 59 -23.54 -1.04 6.90
N ALA B 60 -22.21 -0.91 6.88
CA ALA B 60 -21.39 -1.91 6.23
C ALA B 60 -21.43 -3.23 7.01
N ASP B 61 -21.45 -3.16 8.34
CA ASP B 61 -21.51 -4.37 9.15
C ASP B 61 -22.78 -5.16 8.90
N ILE B 62 -23.90 -4.46 8.68
CA ILE B 62 -25.15 -5.14 8.34
C ILE B 62 -25.05 -5.77 6.95
N ALA B 63 -24.42 -5.07 6.00
CA ALA B 63 -24.15 -5.68 4.71
C ALA B 63 -23.18 -6.85 4.85
N VAL B 64 -22.30 -6.81 5.86
CA VAL B 64 -21.42 -7.94 6.14
C VAL B 64 -22.21 -9.10 6.71
N GLY B 65 -23.22 -8.82 7.53
CA GLY B 65 -24.02 -9.87 8.11
C GLY B 65 -25.08 -10.42 7.17
N VAL B 66 -25.75 -9.55 6.42
CA VAL B 66 -26.82 -9.99 5.54
C VAL B 66 -26.25 -10.68 4.30
N LEU B 67 -25.27 -10.05 3.65
CA LEU B 67 -24.82 -10.48 2.33
C LEU B 67 -23.49 -11.23 2.36
N ALA B 68 -22.54 -10.81 3.20
CA ALA B 68 -21.18 -11.33 3.09
C ALA B 68 -21.05 -12.72 3.72
N ILE B 69 -21.53 -12.88 4.96
CA ILE B 69 -21.37 -14.15 5.66
C ILE B 69 -22.03 -15.30 4.92
N PRO B 70 -23.26 -15.16 4.37
CA PRO B 70 -23.76 -16.23 3.49
C PRO B 70 -22.88 -16.48 2.28
N PHE B 71 -22.25 -15.44 1.73
CA PHE B 71 -21.35 -15.63 0.60
C PHE B 71 -20.04 -16.28 1.01
N ALA B 72 -19.67 -16.17 2.29
CA ALA B 72 -18.46 -16.84 2.78
C ALA B 72 -18.73 -18.30 3.13
N ILE B 73 -19.94 -18.62 3.60
CA ILE B 73 -20.32 -20.02 3.78
C ILE B 73 -20.46 -20.70 2.43
N THR B 74 -20.98 -19.98 1.43
CA THR B 74 -21.03 -20.51 0.08
C THR B 74 -19.66 -20.95 -0.42
N ILE B 75 -18.61 -20.24 0.01
CA ILE B 75 -17.27 -20.52 -0.49
C ILE B 75 -16.66 -21.75 0.17
N SER B 76 -17.03 -22.07 1.41
CA SER B 76 -16.48 -23.23 2.11
C SER B 76 -17.11 -24.55 1.67
N THR B 77 -18.00 -24.53 0.67
CA THR B 77 -18.64 -25.74 0.19
C THR B 77 -17.88 -26.35 -0.98
N GLY B 78 -17.75 -25.60 -2.08
CA GLY B 78 -16.98 -26.04 -3.22
C GLY B 78 -17.78 -26.87 -4.21
N PHE B 79 -18.93 -26.35 -4.65
CA PHE B 79 -19.77 -27.06 -5.61
C PHE B 79 -19.35 -26.70 -7.04
N CYS B 80 -19.72 -27.59 -7.97
CA CYS B 80 -19.43 -27.37 -9.38
C CYS B 80 -20.12 -26.11 -9.89
N ALA B 81 -19.33 -25.09 -10.21
CA ALA B 81 -19.87 -23.84 -10.73
C ALA B 81 -18.83 -23.19 -11.64
N ALA B 82 -19.31 -22.30 -12.51
CA ALA B 82 -18.43 -21.61 -13.44
C ALA B 82 -17.41 -20.75 -12.69
N CYS B 83 -16.29 -20.48 -13.36
CA CYS B 83 -15.21 -19.72 -12.73
C CYS B 83 -15.64 -18.29 -12.46
N HIS B 84 -15.96 -17.55 -13.52
CA HIS B 84 -16.25 -16.13 -13.39
C HIS B 84 -17.45 -15.85 -12.49
N GLY B 85 -18.31 -16.85 -12.28
CA GLY B 85 -19.41 -16.73 -11.34
C GLY B 85 -18.97 -16.95 -9.91
N CYS B 86 -18.26 -18.05 -9.67
CA CYS B 86 -17.69 -18.30 -8.34
C CYS B 86 -16.66 -17.23 -7.97
N LEU B 87 -16.09 -16.55 -8.97
CA LEU B 87 -15.20 -15.43 -8.68
C LEU B 87 -15.97 -14.25 -8.12
N PHE B 88 -17.18 -14.01 -8.64
CA PHE B 88 -18.00 -12.90 -8.17
C PHE B 88 -18.30 -13.03 -6.67
N ILE B 89 -18.63 -14.25 -6.23
CA ILE B 89 -18.95 -14.47 -4.82
C ILE B 89 -17.76 -14.11 -3.93
N ALA B 90 -16.57 -14.53 -4.35
CA ALA B 90 -15.38 -14.25 -3.55
C ALA B 90 -14.99 -12.77 -3.59
N CYS B 91 -15.28 -12.09 -4.70
CA CYS B 91 -14.97 -10.67 -4.78
C CYS B 91 -15.89 -9.86 -3.88
N PHE B 92 -17.17 -10.24 -3.81
CA PHE B 92 -18.13 -9.46 -3.02
C PHE B 92 -17.82 -9.55 -1.54
N VAL B 93 -17.60 -10.76 -1.02
CA VAL B 93 -17.24 -10.91 0.38
C VAL B 93 -15.93 -10.17 0.67
N LEU B 94 -15.07 -10.02 -0.34
CA LEU B 94 -13.91 -9.15 -0.20
C LEU B 94 -14.32 -7.69 -0.14
N VAL B 95 -15.23 -7.27 -1.02
CA VAL B 95 -15.68 -5.88 -1.05
C VAL B 95 -16.25 -5.48 0.30
N LEU B 96 -17.16 -6.30 0.83
CA LEU B 96 -17.84 -5.94 2.07
C LEU B 96 -16.90 -6.00 3.27
N THR B 97 -15.92 -6.89 3.26
CA THR B 97 -14.92 -6.92 4.32
C THR B 97 -13.89 -5.80 4.18
N GLN B 98 -13.74 -5.23 2.99
CA GLN B 98 -12.94 -4.01 2.85
C GLN B 98 -13.65 -2.81 3.45
N SER B 99 -14.97 -2.75 3.33
CA SER B 99 -15.72 -1.59 3.80
C SER B 99 -15.63 -1.44 5.32
N SER B 100 -15.76 -2.54 6.05
CA SER B 100 -15.71 -2.48 7.51
C SER B 100 -14.36 -1.98 7.99
N ASN B 101 -13.28 -2.59 7.50
CA ASN B 101 -11.94 -2.18 7.92
C ASN B 101 -11.64 -0.74 7.52
N PHE B 102 -12.27 -0.24 6.46
CA PHE B 102 -12.06 1.14 6.05
C PHE B 102 -12.94 2.10 6.84
N SER B 103 -14.21 1.73 7.08
CA SER B 103 -15.08 2.60 7.88
C SER B 103 -14.61 2.67 9.32
N LEU B 104 -14.14 1.56 9.87
CA LEU B 104 -13.56 1.58 11.21
C LEU B 104 -12.32 2.47 11.25
N LEU B 105 -11.51 2.45 10.18
CA LEU B 105 -10.36 3.33 10.11
C LEU B 105 -10.77 4.80 10.14
N ALA B 106 -11.94 5.13 9.59
CA ALA B 106 -12.39 6.52 9.60
C ALA B 106 -12.74 6.97 11.02
N ILE B 107 -13.42 6.11 11.78
CA ILE B 107 -13.71 6.44 13.18
C ILE B 107 -12.43 6.66 13.95
N ALA B 108 -11.41 5.83 13.69
CA ALA B 108 -10.14 5.97 14.41
C ALA B 108 -9.44 7.27 14.08
N ILE B 109 -9.52 7.71 12.82
CA ILE B 109 -8.89 8.97 12.44
C ILE B 109 -9.73 10.15 12.91
N ASP B 110 -11.06 10.02 12.92
CA ASP B 110 -11.91 11.08 13.45
C ASP B 110 -11.58 11.38 14.90
N ARG B 111 -11.37 10.33 15.71
CA ARG B 111 -11.00 10.53 17.10
C ARG B 111 -9.61 11.16 17.22
N TYR B 112 -8.74 10.94 16.23
CA TYR B 112 -7.43 11.57 16.25
C TYR B 112 -7.52 13.07 16.03
N ILE B 113 -8.54 13.53 15.29
CA ILE B 113 -8.64 14.94 14.94
C ILE B 113 -9.28 15.73 16.08
N ALA B 114 -10.41 15.25 16.58
CA ALA B 114 -11.15 15.97 17.63
C ALA B 114 -10.45 15.96 18.98
N ILE B 115 -9.24 15.43 19.08
CA ILE B 115 -8.59 15.25 20.36
C ILE B 115 -7.19 15.87 20.37
N ARG B 116 -6.47 15.74 19.25
CA ARG B 116 -5.16 16.35 19.14
C ARG B 116 -5.17 17.67 18.37
N ILE B 117 -6.11 17.84 17.44
CA ILE B 117 -6.27 19.12 16.75
C ILE B 117 -7.70 19.58 16.97
N PRO B 118 -8.04 20.08 18.16
CA PRO B 118 -9.45 20.36 18.47
C PRO B 118 -9.94 21.68 17.91
N LEU B 119 -9.07 22.70 17.89
CA LEU B 119 -9.48 24.01 17.38
C LEU B 119 -9.69 24.01 15.87
N ARG B 120 -9.43 22.90 15.19
CA ARG B 120 -9.64 22.79 13.75
C ARG B 120 -10.66 21.71 13.39
N TYR B 121 -11.23 21.01 14.37
CA TYR B 121 -12.12 19.89 14.08
C TYR B 121 -13.39 20.35 13.38
N ASN B 122 -13.93 21.50 13.78
CA ASN B 122 -15.20 21.96 13.22
C ASN B 122 -15.06 22.29 11.74
N GLY B 123 -14.02 23.06 11.37
CA GLY B 123 -13.86 23.51 10.01
C GLY B 123 -13.11 22.54 9.12
N LEU B 124 -13.00 21.29 9.54
CA LEU B 124 -12.29 20.28 8.76
C LEU B 124 -13.11 19.01 8.56
N VAL B 125 -13.86 18.58 9.57
CA VAL B 125 -14.67 17.37 9.48
C VAL B 125 -16.14 17.76 9.55
N THR B 126 -16.63 18.44 8.52
CA THR B 126 -18.03 18.82 8.46
C THR B 126 -18.87 17.62 8.03
N GLY B 127 -20.18 17.82 7.96
CA GLY B 127 -21.05 16.80 7.39
C GLY B 127 -20.78 16.55 5.93
N THR B 128 -20.13 17.48 5.24
CA THR B 128 -19.82 17.34 3.83
C THR B 128 -18.76 16.27 3.60
N ARG B 129 -17.54 16.53 4.07
CA ARG B 129 -16.44 15.60 3.81
C ARG B 129 -16.61 14.27 4.54
N ALA B 130 -17.38 14.24 5.63
CA ALA B 130 -17.70 12.97 6.26
C ALA B 130 -18.53 12.09 5.32
N LYS B 131 -19.47 12.70 4.59
CA LYS B 131 -20.19 11.98 3.55
C LYS B 131 -19.28 11.60 2.39
N GLY B 132 -18.13 12.25 2.26
CA GLY B 132 -17.19 11.91 1.20
C GLY B 132 -16.12 10.95 1.67
N ILE B 133 -15.77 11.00 2.95
CA ILE B 133 -14.78 10.07 3.50
C ILE B 133 -15.30 8.64 3.38
N ILE B 134 -16.56 8.41 3.79
CA ILE B 134 -17.17 7.10 3.63
C ILE B 134 -17.26 6.73 2.16
N ALA B 135 -17.53 7.71 1.30
CA ALA B 135 -17.55 7.45 -0.14
C ALA B 135 -16.18 7.05 -0.67
N ILE B 136 -15.11 7.49 -0.01
CA ILE B 136 -13.77 7.06 -0.41
C ILE B 136 -13.50 5.64 0.08
N CYS B 137 -13.99 5.29 1.27
CA CYS B 137 -13.81 3.94 1.78
C CYS B 137 -14.48 2.92 0.86
N TRP B 138 -15.75 3.14 0.52
CA TRP B 138 -16.48 2.19 -0.28
C TRP B 138 -15.99 2.14 -1.72
N VAL B 139 -15.38 3.21 -2.23
CA VAL B 139 -14.86 3.19 -3.59
C VAL B 139 -13.62 2.30 -3.67
N LEU B 140 -12.70 2.43 -2.71
CA LEU B 140 -11.53 1.57 -2.68
C LEU B 140 -11.89 0.14 -2.29
N SER B 141 -13.00 -0.06 -1.59
CA SER B 141 -13.48 -1.41 -1.33
C SER B 141 -13.87 -2.11 -2.62
N PHE B 142 -14.58 -1.42 -3.51
CA PHE B 142 -14.92 -1.97 -4.81
C PHE B 142 -13.75 -1.97 -5.78
N ALA B 143 -12.72 -1.17 -5.51
CA ALA B 143 -11.51 -1.20 -6.34
C ALA B 143 -10.65 -2.41 -5.99
N ILE B 144 -10.28 -2.54 -4.71
CA ILE B 144 -9.56 -3.73 -4.26
C ILE B 144 -10.41 -4.97 -4.47
N GLY B 145 -11.69 -4.89 -4.12
CA GLY B 145 -12.59 -6.01 -4.26
C GLY B 145 -12.67 -6.56 -5.67
N LEU B 146 -13.24 -5.79 -6.59
CA LEU B 146 -13.38 -6.24 -7.98
C LEU B 146 -12.10 -6.11 -8.78
N THR B 147 -10.95 -6.46 -8.19
CA THR B 147 -9.68 -6.48 -8.91
C THR B 147 -9.49 -7.80 -9.65
N PRO B 148 -9.67 -8.97 -9.02
CA PRO B 148 -9.48 -10.23 -9.77
C PRO B 148 -10.47 -10.42 -10.89
N MET B 149 -11.69 -9.89 -10.76
CA MET B 149 -12.68 -10.03 -11.83
C MET B 149 -12.19 -9.47 -13.14
N LEU B 150 -11.32 -8.45 -13.08
CA LEU B 150 -10.77 -7.82 -14.28
C LEU B 150 -9.45 -8.45 -14.72
N GLY B 151 -9.30 -9.77 -14.57
CA GLY B 151 -8.11 -10.43 -15.07
C GLY B 151 -7.31 -11.20 -14.04
N TRP B 152 -6.86 -10.53 -12.98
CA TRP B 152 -5.96 -11.15 -12.01
C TRP B 152 -6.67 -12.22 -11.18
N ASN B 153 -7.08 -13.32 -11.83
CA ASN B 153 -7.66 -14.43 -11.11
C ASN B 153 -6.94 -15.73 -11.46
N ASN B 154 -7.64 -16.86 -11.41
CA ASN B 154 -7.00 -18.17 -11.48
C ASN B 154 -7.83 -19.14 -12.32
N CYS B 155 -8.15 -18.76 -13.57
CA CYS B 155 -8.87 -19.68 -14.45
C CYS B 155 -8.72 -19.31 -15.93
N GLY B 156 -7.58 -18.73 -16.30
CA GLY B 156 -7.31 -18.51 -17.71
C GLY B 156 -7.23 -19.82 -18.48
N GLN B 157 -6.68 -20.85 -17.85
CA GLN B 157 -6.66 -22.20 -18.42
C GLN B 157 -6.48 -23.23 -17.30
N GLY B 167 -12.75 -33.00 -12.80
CA GLY B 167 -13.45 -32.62 -11.58
C GLY B 167 -14.92 -32.37 -11.80
N CYS B 168 -15.25 -31.38 -12.63
CA CYS B 168 -16.62 -31.04 -12.94
C CYS B 168 -16.86 -30.91 -14.45
N GLY B 169 -15.90 -31.30 -15.28
CA GLY B 169 -15.96 -31.03 -16.69
C GLY B 169 -15.24 -29.75 -17.05
N GLU B 170 -15.57 -29.22 -18.23
CA GLU B 170 -14.97 -27.98 -18.69
C GLU B 170 -15.83 -26.79 -18.28
N GLY B 171 -15.17 -25.75 -17.80
CA GLY B 171 -15.84 -24.52 -17.43
C GLY B 171 -16.28 -24.43 -15.99
N GLN B 172 -16.27 -25.53 -15.25
CA GLN B 172 -16.75 -25.57 -13.87
C GLN B 172 -15.63 -26.02 -12.95
N VAL B 173 -15.36 -25.21 -11.92
CA VAL B 173 -14.33 -25.52 -10.94
C VAL B 173 -14.99 -25.71 -9.58
N ALA B 174 -14.20 -26.20 -8.62
CA ALA B 174 -14.67 -26.34 -7.25
C ALA B 174 -14.65 -24.97 -6.57
N CYS B 175 -15.81 -24.54 -6.07
CA CYS B 175 -16.00 -23.17 -5.62
C CYS B 175 -15.44 -22.99 -4.21
N LEU B 176 -14.12 -22.86 -4.14
CA LEU B 176 -13.42 -22.50 -2.91
C LEU B 176 -12.69 -21.18 -3.12
N PHE B 177 -12.23 -20.59 -2.00
CA PHE B 177 -11.62 -19.27 -2.06
C PHE B 177 -10.23 -19.32 -2.70
N GLU B 178 -9.38 -20.23 -2.23
CA GLU B 178 -8.03 -20.34 -2.77
C GLU B 178 -8.01 -20.73 -4.24
N ASP B 179 -9.14 -21.19 -4.79
CA ASP B 179 -9.20 -21.60 -6.19
C ASP B 179 -9.50 -20.46 -7.14
N VAL B 180 -10.26 -19.46 -6.69
CA VAL B 180 -10.62 -18.34 -7.54
C VAL B 180 -9.86 -17.05 -7.18
N VAL B 181 -9.27 -16.97 -6.00
CA VAL B 181 -8.55 -15.78 -5.56
C VAL B 181 -7.07 -16.11 -5.53
N PRO B 182 -6.24 -15.42 -6.33
CA PRO B 182 -4.80 -15.69 -6.29
C PRO B 182 -4.23 -15.44 -4.91
N MET B 183 -3.37 -16.35 -4.46
CA MET B 183 -2.80 -16.23 -3.12
C MET B 183 -1.78 -15.10 -3.03
N ASN B 184 -1.09 -14.79 -4.14
CA ASN B 184 -0.23 -13.62 -4.15
C ASN B 184 -1.05 -12.33 -4.08
N TYR B 185 -2.26 -12.34 -4.65
CA TYR B 185 -3.19 -11.23 -4.48
C TYR B 185 -3.52 -11.04 -3.00
N MET B 186 -3.82 -12.13 -2.30
CA MET B 186 -4.11 -12.03 -0.87
C MET B 186 -2.86 -11.68 -0.08
N VAL B 187 -1.70 -12.16 -0.50
CA VAL B 187 -0.46 -11.91 0.24
C VAL B 187 0.10 -10.53 -0.09
N TYR B 188 0.44 -10.31 -1.37
CA TYR B 188 1.14 -9.08 -1.73
C TYR B 188 0.21 -7.86 -1.66
N PHE B 189 -1.03 -8.01 -2.13
CA PHE B 189 -1.90 -6.85 -2.34
C PHE B 189 -2.93 -6.68 -1.23
N ASN B 190 -3.74 -7.71 -0.96
CA ASN B 190 -4.90 -7.53 -0.10
C ASN B 190 -4.49 -7.34 1.36
N PHE B 191 -3.63 -8.23 1.88
CA PHE B 191 -3.24 -8.13 3.28
C PHE B 191 -2.35 -6.91 3.51
N PHE B 192 -1.29 -6.78 2.72
CA PHE B 192 -0.31 -5.70 2.89
C PHE B 192 -0.93 -4.32 2.81
N ALA B 193 -2.16 -4.19 2.31
CA ALA B 193 -2.74 -2.87 2.09
C ALA B 193 -4.09 -2.67 2.76
N CYS B 194 -4.91 -3.72 2.86
CA CYS B 194 -6.26 -3.58 3.41
C CYS B 194 -6.39 -4.08 4.83
N VAL B 195 -5.30 -4.54 5.44
CA VAL B 195 -5.34 -5.03 6.82
C VAL B 195 -4.11 -4.54 7.58
N LEU B 196 -2.95 -4.60 6.93
CA LEU B 196 -1.71 -4.19 7.60
C LEU B 196 -1.66 -2.69 7.79
N VAL B 197 -1.71 -1.92 6.70
CA VAL B 197 -1.70 -0.47 6.80
C VAL B 197 -2.88 0.06 7.61
N PRO B 198 -4.13 -0.39 7.41
CA PRO B 198 -5.21 0.07 8.28
C PRO B 198 -4.97 -0.24 9.75
N LEU B 199 -4.20 -1.29 10.06
CA LEU B 199 -3.87 -1.57 11.44
C LEU B 199 -2.70 -0.72 11.92
N LEU B 200 -1.67 -0.56 11.09
CA LEU B 200 -0.53 0.27 11.46
C LEU B 200 -0.92 1.75 11.56
N LEU B 201 -2.02 2.15 10.93
CA LEU B 201 -2.51 3.52 11.09
C LEU B 201 -3.25 3.68 12.41
N MET B 202 -4.25 2.82 12.67
CA MET B 202 -4.95 2.86 13.95
C MET B 202 -4.00 2.59 15.11
N LEU B 203 -2.91 1.87 14.86
CA LEU B 203 -1.86 1.76 15.86
C LEU B 203 -1.24 3.12 16.13
N GLY B 204 -0.74 3.78 15.09
CA GLY B 204 -0.16 5.10 15.25
C GLY B 204 -1.13 6.14 15.74
N VAL B 205 -2.41 5.99 15.42
CA VAL B 205 -3.42 6.92 15.92
C VAL B 205 -3.65 6.69 17.41
N TYR B 206 -3.75 5.43 17.83
CA TYR B 206 -3.88 5.13 19.25
C TYR B 206 -2.65 5.58 20.03
N LEU B 207 -1.45 5.32 19.50
CA LEU B 207 -0.22 5.66 20.20
C LEU B 207 -0.11 7.17 20.41
N ARG B 208 -0.28 7.95 19.34
CA ARG B 208 -0.13 9.39 19.45
C ARG B 208 -1.26 10.02 20.24
N ILE B 209 -2.39 9.34 20.40
CA ILE B 209 -3.41 9.81 21.34
C ILE B 209 -3.08 9.38 22.75
N PHE B 210 -2.55 8.16 22.92
CA PHE B 210 -2.10 7.71 24.23
C PHE B 210 -0.96 8.58 24.74
N LEU B 211 0.07 8.78 23.91
CA LEU B 211 1.21 9.61 24.32
C LEU B 211 0.78 11.04 24.60
N ALA B 212 -0.22 11.55 23.87
CA ALA B 212 -0.70 12.90 24.10
C ALA B 212 -1.30 13.05 25.50
N ALA B 213 -1.99 12.01 25.98
CA ALA B 213 -2.54 12.04 27.32
C ALA B 213 -1.47 11.88 28.40
N ARG B 214 -0.29 11.38 28.03
CA ARG B 214 0.81 11.23 28.98
C ARG B 214 1.65 12.49 29.11
N ARG B 215 1.78 13.27 28.04
CA ARG B 215 2.54 14.51 28.11
C ARG B 215 1.74 15.62 28.79
N GLN B 216 0.43 15.67 28.55
CA GLN B 216 -0.42 16.66 29.21
C GLN B 216 -0.53 16.40 30.71
N LEU B 217 -0.30 15.17 31.15
CA LEU B 217 -0.43 14.85 32.57
C LEU B 217 0.83 15.22 33.34
N ALA B 218 2.01 14.90 32.80
CA ALA B 218 3.25 15.09 33.53
C ALA B 218 3.57 16.56 33.73
N ASP B 219 3.31 17.39 32.72
CA ASP B 219 3.64 18.81 32.84
C ASP B 219 2.65 19.54 33.74
N LEU B 220 1.38 19.13 33.75
CA LEU B 220 0.40 19.76 34.63
C LEU B 220 0.72 19.44 36.08
N GLU B 221 0.98 18.17 36.39
CA GLU B 221 1.24 17.79 37.77
C GLU B 221 2.54 18.39 38.29
N ASP B 222 3.55 18.51 37.42
CA ASP B 222 4.82 19.08 37.86
C ASP B 222 4.71 20.59 38.07
N ASN B 223 4.08 21.28 37.12
CA ASN B 223 3.76 22.69 37.32
C ASN B 223 3.00 22.89 38.63
N TRP B 224 1.99 22.05 38.85
CA TRP B 224 1.16 22.10 40.04
C TRP B 224 1.99 22.01 41.31
N GLU B 225 2.79 20.95 41.41
CA GLU B 225 3.59 20.72 42.61
C GLU B 225 4.54 21.89 42.85
N THR B 226 5.11 22.45 41.77
CA THR B 226 6.00 23.60 41.93
C THR B 226 5.24 24.80 42.50
N LEU B 227 3.98 24.99 42.09
CA LEU B 227 3.19 26.10 42.62
C LEU B 227 2.88 25.91 44.11
N ASN B 228 2.36 24.73 44.48
CA ASN B 228 2.03 24.51 45.88
C ASN B 228 3.27 24.52 46.75
N ASP B 229 4.36 23.90 46.29
CA ASP B 229 5.58 23.89 47.08
C ASP B 229 6.14 25.29 47.26
N ASN B 230 6.25 26.06 46.17
CA ASN B 230 6.81 27.40 46.28
C ASN B 230 5.97 28.27 47.19
N LEU B 231 4.65 28.27 47.01
CA LEU B 231 3.78 28.97 47.94
C LEU B 231 3.92 28.43 49.35
N LYS B 232 4.20 27.13 49.48
CA LYS B 232 4.51 26.57 50.79
C LYS B 232 5.83 27.10 51.31
N VAL B 233 6.85 27.18 50.45
CA VAL B 233 8.11 27.79 50.84
C VAL B 233 7.85 29.22 51.28
N ILE B 234 7.49 30.09 50.33
CA ILE B 234 7.22 31.52 50.59
C ILE B 234 6.51 31.75 51.92
N GLU B 235 5.40 31.02 52.14
CA GLU B 235 4.67 31.16 53.39
C GLU B 235 5.54 30.80 54.58
N LYS B 236 6.32 29.73 54.47
CA LYS B 236 7.22 29.30 55.53
C LYS B 236 8.67 29.72 55.30
N ALA B 237 8.99 30.33 54.16
CA ALA B 237 10.32 30.86 53.93
C ALA B 237 10.38 32.31 54.42
N ASP B 238 11.47 32.64 55.10
CA ASP B 238 11.63 33.98 55.64
C ASP B 238 13.11 34.17 55.94
N ASN B 239 13.51 35.45 56.06
CA ASN B 239 14.87 35.82 56.40
C ASN B 239 15.87 35.31 55.38
N ALA B 240 15.51 35.40 54.11
CA ALA B 240 16.38 34.94 53.04
C ALA B 240 15.83 35.44 51.70
N ALA B 241 16.67 35.34 50.68
CA ALA B 241 16.27 35.64 49.31
C ALA B 241 15.57 34.47 48.64
N GLN B 242 15.21 33.43 49.40
CA GLN B 242 14.47 32.30 48.84
C GLN B 242 13.14 32.75 48.24
N VAL B 243 12.53 33.79 48.82
CA VAL B 243 11.28 34.28 48.26
C VAL B 243 11.49 34.75 46.82
N LYS B 244 12.59 35.45 46.55
CA LYS B 244 12.86 35.89 45.18
C LYS B 244 13.01 34.70 44.24
N ASP B 245 13.75 33.68 44.66
CA ASP B 245 13.90 32.47 43.85
C ASP B 245 12.56 31.76 43.67
N ALA B 246 11.75 31.70 44.72
CA ALA B 246 10.47 31.00 44.63
C ALA B 246 9.52 31.70 43.66
N LEU B 247 9.51 33.03 43.67
CA LEU B 247 8.68 33.76 42.71
C LEU B 247 9.15 33.53 41.28
N THR B 248 10.47 33.40 41.06
CA THR B 248 10.97 33.15 39.73
C THR B 248 10.53 31.79 39.21
N LYS B 249 10.59 30.76 40.06
CA LYS B 249 10.17 29.43 39.64
C LYS B 249 8.66 29.33 39.48
N MET B 250 7.92 30.15 40.24
CA MET B 250 6.48 30.22 40.05
C MET B 250 6.12 30.88 38.73
N ARG B 251 6.80 31.98 38.40
CA ARG B 251 6.55 32.67 37.14
C ARG B 251 6.82 31.75 35.96
N ALA B 252 7.94 31.02 36.00
CA ALA B 252 8.28 30.12 34.90
C ALA B 252 7.25 29.02 34.75
N ALA B 253 6.76 28.48 35.86
CA ALA B 253 5.77 27.40 35.79
C ALA B 253 4.44 27.91 35.27
N ALA B 254 4.04 29.12 35.64
CA ALA B 254 2.80 29.69 35.13
C ALA B 254 2.88 29.94 33.63
N LEU B 255 4.06 30.26 33.12
CA LEU B 255 4.24 30.48 31.70
C LEU B 255 4.26 29.17 30.92
N ASP B 256 4.96 28.16 31.45
CA ASP B 256 4.87 26.82 30.88
C ASP B 256 3.43 26.34 30.81
N ALA B 257 2.66 26.60 31.87
CA ALA B 257 1.24 26.26 31.86
C ALA B 257 0.49 27.09 30.83
N GLN B 258 0.96 28.30 30.54
CA GLN B 258 0.30 29.13 29.52
C GLN B 258 0.60 28.62 28.11
N LYS B 259 1.80 28.08 27.90
CA LYS B 259 2.18 27.59 26.57
C LYS B 259 1.23 26.50 26.09
N ALA B 260 0.85 25.59 26.99
CA ALA B 260 -0.02 24.49 26.60
C ALA B 260 -1.49 24.90 26.62
N THR B 261 -1.90 25.71 27.59
CA THR B 261 -3.28 26.11 27.70
C THR B 261 -3.65 27.03 26.54
N PRO B 262 -4.92 27.04 26.11
CA PRO B 262 -5.34 27.96 25.05
C PRO B 262 -5.90 29.26 25.61
N ASP B 277 -11.58 32.57 28.78
CA ASP B 277 -11.49 31.67 29.93
C ASP B 277 -10.04 31.39 30.30
N PHE B 278 -9.43 30.43 29.60
CA PHE B 278 -8.11 29.95 29.97
C PHE B 278 -7.02 30.91 29.52
N ARG B 279 -7.17 31.51 28.33
CA ARG B 279 -6.24 32.56 27.93
C ARG B 279 -6.40 33.79 28.80
N HIS B 280 -7.64 34.28 28.95
CA HIS B 280 -7.90 35.45 29.78
C HIS B 280 -7.46 35.22 31.21
N GLY B 281 -7.84 34.07 31.79
CA GLY B 281 -7.46 33.78 33.16
C GLY B 281 -5.97 33.69 33.36
N PHE B 282 -5.23 33.27 32.33
CA PHE B 282 -3.78 33.17 32.44
C PHE B 282 -3.11 34.53 32.33
N ASP B 283 -3.69 35.46 31.55
CA ASP B 283 -3.18 36.83 31.57
C ASP B 283 -3.28 37.45 32.95
N ILE B 284 -4.28 37.04 33.73
CA ILE B 284 -4.45 37.62 35.06
C ILE B 284 -3.54 36.93 36.07
N LEU B 285 -3.31 35.62 35.92
CA LEU B 285 -2.37 34.94 36.82
C LEU B 285 -0.97 35.51 36.66
N VAL B 286 -0.54 35.72 35.41
CA VAL B 286 0.73 36.39 35.16
C VAL B 286 0.74 37.76 35.82
N GLY B 287 -0.39 38.47 35.74
CA GLY B 287 -0.48 39.77 36.40
C GLY B 287 -0.39 39.67 37.91
N GLN B 288 -1.01 38.64 38.50
CA GLN B 288 -0.95 38.47 39.95
C GLN B 288 0.43 38.04 40.44
N ILE B 289 1.23 37.39 39.58
CA ILE B 289 2.61 37.10 39.96
C ILE B 289 3.44 38.38 39.88
N ASP B 290 3.13 39.27 38.93
CA ASP B 290 3.83 40.53 38.86
C ASP B 290 3.46 41.44 40.03
N ASP B 291 2.16 41.54 40.33
CA ASP B 291 1.75 42.19 41.58
C ASP B 291 2.36 41.50 42.78
N ALA B 292 2.53 40.18 42.72
CA ALA B 292 3.25 39.46 43.77
C ALA B 292 4.70 39.91 43.84
N LEU B 293 5.35 40.07 42.68
CA LEU B 293 6.71 40.54 42.65
C LEU B 293 6.80 42.03 42.99
N LYS B 294 5.77 42.80 42.65
CA LYS B 294 5.68 44.19 43.08
C LYS B 294 5.37 44.32 44.56
N LEU B 295 4.62 43.36 45.11
CA LEU B 295 4.44 43.30 46.56
C LEU B 295 5.66 42.70 47.26
N ALA B 296 6.48 41.93 46.56
CA ALA B 296 7.71 41.43 47.12
C ALA B 296 8.85 42.44 47.04
N ASN B 297 8.56 43.65 46.58
CA ASN B 297 9.61 44.57 46.15
C ASN B 297 10.09 45.49 47.28
N GLU B 298 9.18 46.08 48.04
CA GLU B 298 9.52 47.15 48.99
C GLU B 298 8.90 46.87 50.36
N GLY B 299 9.58 46.05 51.16
CA GLY B 299 9.24 45.90 52.56
C GLY B 299 7.93 45.21 52.83
N LYS B 300 7.13 44.98 51.78
CA LYS B 300 5.84 44.31 51.91
C LYS B 300 5.99 42.80 51.88
N VAL B 301 6.87 42.28 52.76
CA VAL B 301 7.13 40.85 52.81
C VAL B 301 5.85 40.09 53.17
N LYS B 302 5.04 40.63 54.08
CA LYS B 302 3.75 40.03 54.39
C LYS B 302 2.79 40.12 53.21
N GLU B 303 2.87 41.20 52.43
CA GLU B 303 2.04 41.28 51.23
C GLU B 303 2.53 40.33 50.16
N ALA B 304 3.84 40.05 50.12
CA ALA B 304 4.35 39.02 49.22
C ALA B 304 3.81 37.65 49.62
N GLN B 305 3.78 37.37 50.92
CA GLN B 305 3.13 36.15 51.40
C GLN B 305 1.64 36.17 51.10
N ALA B 306 0.98 37.32 51.31
CA ALA B 306 -0.41 37.43 50.92
C ALA B 306 -0.58 37.23 49.42
N ALA B 307 0.40 37.69 48.63
CA ALA B 307 0.30 37.55 47.18
C ALA B 307 0.53 36.10 46.76
N ALA B 308 1.41 35.38 47.47
CA ALA B 308 1.50 33.93 47.28
C ALA B 308 0.18 33.26 47.68
N GLU B 309 -0.49 33.78 48.71
CA GLU B 309 -1.82 33.27 49.05
C GLU B 309 -2.84 33.62 47.99
N GLN B 310 -2.67 34.77 47.31
CA GLN B 310 -3.56 35.10 46.20
C GLN B 310 -3.44 34.08 45.08
N LEU B 311 -2.21 33.66 44.78
CA LEU B 311 -1.98 32.73 43.69
C LEU B 311 -1.94 31.27 44.13
N LYS B 312 -1.92 31.00 45.44
CA LYS B 312 -1.99 29.63 45.90
C LYS B 312 -3.28 28.99 45.39
N THR B 313 -3.18 27.70 45.07
CA THR B 313 -4.28 26.95 44.46
C THR B 313 -5.63 27.24 45.11
N THR B 314 -5.70 27.15 46.44
CA THR B 314 -6.98 27.17 47.15
C THR B 314 -7.78 28.42 46.86
N ARG B 315 -7.12 29.49 46.45
CA ARG B 315 -7.72 30.82 46.49
C ARG B 315 -7.66 31.52 45.13
N ASN B 316 -7.43 30.80 44.05
CA ASN B 316 -7.22 31.41 42.74
C ASN B 316 -8.31 30.92 41.81
N ALA B 317 -9.14 31.84 41.32
CA ALA B 317 -10.20 31.49 40.38
C ALA B 317 -9.63 31.03 39.03
N TYR B 318 -8.45 31.52 38.67
CA TYR B 318 -7.90 31.24 37.35
C TYR B 318 -7.19 29.89 37.31
N ILE B 319 -6.48 29.54 38.39
CA ILE B 319 -5.86 28.22 38.46
C ILE B 319 -6.92 27.13 38.43
N GLN B 320 -7.94 27.26 39.28
CA GLN B 320 -9.01 26.26 39.30
C GLN B 320 -9.66 26.10 37.93
N LYS B 321 -9.87 27.21 37.21
CA LYS B 321 -10.42 27.12 35.86
C LYS B 321 -9.44 26.42 34.92
N TYR B 322 -8.15 26.70 35.09
CA TYR B 322 -7.14 26.05 34.26
C TYR B 322 -7.13 24.54 34.45
N LEU B 323 -7.29 24.09 35.70
CA LEU B 323 -7.23 22.66 35.99
C LEU B 323 -8.38 21.92 35.31
N GLU B 324 -9.62 22.36 35.56
CA GLU B 324 -10.80 21.63 35.09
C GLU B 324 -10.75 21.40 33.59
N ARG B 325 -10.20 22.36 32.85
CA ARG B 325 -9.93 22.15 31.42
C ARG B 325 -8.89 21.06 31.23
N ALA B 326 -7.66 21.32 31.71
CA ALA B 326 -6.58 20.33 31.60
C ALA B 326 -6.99 18.99 32.19
N ARG B 327 -7.95 18.99 33.12
CA ARG B 327 -8.52 17.75 33.62
C ARG B 327 -9.47 17.13 32.63
N SER B 328 -10.55 17.85 32.30
CA SER B 328 -11.63 17.27 31.50
C SER B 328 -11.11 16.65 30.22
N THR B 329 -10.11 17.29 29.60
CA THR B 329 -9.53 16.72 28.39
C THR B 329 -8.81 15.40 28.70
N LEU B 330 -8.08 15.35 29.80
CA LEU B 330 -7.38 14.13 30.18
C LEU B 330 -8.36 12.97 30.37
N GLN B 331 -9.30 13.11 31.31
CA GLN B 331 -10.23 12.02 31.60
C GLN B 331 -11.11 11.67 30.41
N LYS B 332 -11.31 12.61 29.48
CA LYS B 332 -12.14 12.32 28.31
C LYS B 332 -11.35 11.57 27.24
N GLU B 333 -10.15 12.04 26.91
CA GLU B 333 -9.40 11.40 25.84
C GLU B 333 -8.62 10.18 26.29
N VAL B 334 -8.40 10.00 27.60
CA VAL B 334 -7.94 8.70 28.08
C VAL B 334 -9.05 7.66 27.87
N HIS B 335 -10.32 8.08 27.94
CA HIS B 335 -11.41 7.20 27.56
C HIS B 335 -11.33 6.82 26.08
N ALA B 336 -11.22 7.83 25.21
CA ALA B 336 -11.05 7.56 23.79
C ALA B 336 -9.68 6.98 23.46
N ALA B 337 -8.75 6.95 24.42
CA ALA B 337 -7.51 6.22 24.23
C ALA B 337 -7.70 4.74 24.48
N LYS B 338 -8.27 4.39 25.64
CA LYS B 338 -8.61 2.99 25.89
C LYS B 338 -9.66 2.49 24.91
N SER B 339 -10.54 3.39 24.44
CA SER B 339 -11.47 3.03 23.38
C SER B 339 -10.72 2.53 22.14
N LEU B 340 -9.66 3.24 21.74
CA LEU B 340 -8.86 2.79 20.62
C LEU B 340 -8.01 1.58 20.98
N ALA B 341 -7.47 1.55 22.21
CA ALA B 341 -6.70 0.39 22.66
C ALA B 341 -7.50 -0.89 22.56
N ILE B 342 -8.82 -0.79 22.74
CA ILE B 342 -9.67 -1.97 22.63
C ILE B 342 -9.95 -2.29 21.16
N ILE B 343 -10.10 -1.25 20.33
CA ILE B 343 -10.40 -1.48 18.91
C ILE B 343 -9.19 -2.07 18.19
N VAL B 344 -8.01 -1.46 18.36
CA VAL B 344 -6.80 -2.00 17.74
C VAL B 344 -6.49 -3.38 18.31
N GLY B 345 -6.66 -3.53 19.64
CA GLY B 345 -6.42 -4.83 20.25
C GLY B 345 -7.36 -5.91 19.73
N LEU B 346 -8.56 -5.53 19.30
CA LEU B 346 -9.50 -6.46 18.72
C LEU B 346 -9.32 -6.63 17.22
N PHE B 347 -8.98 -5.55 16.51
CA PHE B 347 -8.82 -5.64 15.06
C PHE B 347 -7.63 -6.49 14.68
N ALA B 348 -6.47 -6.25 15.31
CA ALA B 348 -5.31 -7.08 15.06
C ALA B 348 -5.56 -8.53 15.46
N LEU B 349 -6.36 -8.74 16.52
CA LEU B 349 -6.60 -10.09 17.03
C LEU B 349 -7.42 -10.92 16.06
N CYS B 350 -8.28 -10.29 15.27
CA CYS B 350 -9.25 -11.03 14.47
C CYS B 350 -8.80 -11.28 13.04
N TRP B 351 -8.11 -10.31 12.42
CA TRP B 351 -7.81 -10.42 11.00
C TRP B 351 -6.48 -11.12 10.72
N LEU B 352 -5.52 -11.05 11.63
CA LEU B 352 -4.19 -11.59 11.38
C LEU B 352 -4.16 -13.11 11.26
N PRO B 353 -4.84 -13.89 12.11
CA PRO B 353 -4.81 -15.36 11.95
C PRO B 353 -5.16 -15.83 10.55
N LEU B 354 -6.22 -15.29 9.95
CA LEU B 354 -6.58 -15.68 8.59
C LEU B 354 -5.52 -15.26 7.59
N HIS B 355 -4.96 -14.06 7.76
CA HIS B 355 -4.01 -13.55 6.77
C HIS B 355 -2.59 -14.05 7.00
N ILE B 356 -2.24 -14.39 8.24
CA ILE B 356 -0.92 -14.96 8.48
C ILE B 356 -0.85 -16.38 7.94
N ILE B 357 -1.93 -17.16 8.14
CA ILE B 357 -2.01 -18.49 7.53
C ILE B 357 -1.88 -18.38 6.02
N ASN B 358 -2.40 -17.30 5.44
CA ASN B 358 -2.29 -17.10 4.00
C ASN B 358 -0.84 -16.99 3.56
N CYS B 359 -0.03 -16.23 4.31
CA CYS B 359 1.33 -15.97 3.90
C CYS B 359 2.21 -17.22 3.98
N PHE B 360 1.98 -18.07 4.97
CA PHE B 360 2.71 -19.32 5.05
C PHE B 360 2.37 -20.23 3.87
N THR B 361 1.11 -20.24 3.44
CA THR B 361 0.73 -21.06 2.29
C THR B 361 1.42 -20.62 1.02
N PHE B 362 1.67 -19.31 0.86
CA PHE B 362 2.27 -18.81 -0.36
C PHE B 362 3.79 -18.90 -0.31
N PHE B 363 4.40 -18.49 0.80
CA PHE B 363 5.85 -18.47 0.91
C PHE B 363 6.44 -19.79 1.37
N CYS B 364 5.67 -20.58 2.14
CA CYS B 364 6.18 -21.81 2.73
C CYS B 364 5.25 -22.99 2.40
N PRO B 365 4.95 -23.22 1.11
CA PRO B 365 3.97 -24.26 0.78
C PRO B 365 4.49 -25.66 0.99
N ASP B 366 5.81 -25.85 1.01
CA ASP B 366 6.36 -27.17 1.33
C ASP B 366 6.20 -27.49 2.81
N CYS B 367 6.38 -26.48 3.67
CA CYS B 367 6.40 -26.72 5.10
C CYS B 367 4.97 -26.85 5.63
N SER B 368 4.83 -26.85 6.95
CA SER B 368 3.62 -27.32 7.61
C SER B 368 2.49 -26.30 7.54
N HIS B 369 1.27 -26.80 7.74
CA HIS B 369 0.05 -26.01 7.70
C HIS B 369 -0.54 -25.90 9.10
N ALA B 370 -1.84 -25.61 9.17
CA ALA B 370 -2.64 -25.65 10.38
C ALA B 370 -3.72 -26.71 10.24
N PRO B 371 -4.22 -27.27 11.35
CA PRO B 371 -5.24 -28.31 11.23
C PRO B 371 -6.51 -27.78 10.59
N LEU B 372 -7.36 -28.72 10.14
CA LEU B 372 -8.56 -28.35 9.41
C LEU B 372 -9.53 -27.51 10.22
N TRP B 373 -9.45 -27.58 11.56
CA TRP B 373 -10.34 -26.81 12.42
C TRP B 373 -9.78 -25.43 12.73
N LEU B 374 -8.46 -25.31 12.90
CA LEU B 374 -7.87 -24.03 13.28
C LEU B 374 -7.94 -23.01 12.16
N MET B 375 -8.01 -23.47 10.91
CA MET B 375 -8.04 -22.55 9.78
C MET B 375 -9.43 -21.95 9.58
N TYR B 376 -10.49 -22.74 9.79
CA TYR B 376 -11.83 -22.19 9.72
C TYR B 376 -12.11 -21.21 10.85
N LEU B 377 -11.52 -21.44 12.02
CA LEU B 377 -11.66 -20.47 13.10
C LEU B 377 -11.06 -19.13 12.71
N ALA B 378 -9.96 -19.16 11.95
CA ALA B 378 -9.39 -17.92 11.42
C ALA B 378 -10.37 -17.20 10.50
N ILE B 379 -11.32 -17.91 9.92
CA ILE B 379 -12.39 -17.27 9.15
C ILE B 379 -13.47 -16.76 10.08
N VAL B 380 -13.82 -17.53 11.11
CA VAL B 380 -14.82 -17.10 12.08
C VAL B 380 -14.38 -15.83 12.78
N LEU B 381 -13.11 -15.77 13.17
CA LEU B 381 -12.59 -14.57 13.83
C LEU B 381 -12.61 -13.36 12.89
N SER B 382 -12.36 -13.59 11.60
CA SER B 382 -12.39 -12.48 10.63
C SER B 382 -13.77 -11.84 10.58
N HIS B 383 -14.83 -12.65 10.60
CA HIS B 383 -16.19 -12.15 10.56
C HIS B 383 -16.69 -11.70 11.93
N THR B 384 -15.86 -11.78 12.97
CA THR B 384 -16.23 -11.27 14.29
C THR B 384 -15.93 -9.78 14.41
N ASN B 385 -14.70 -9.38 14.10
CA ASN B 385 -14.35 -7.95 14.14
C ASN B 385 -15.24 -7.13 13.22
N SER B 386 -15.68 -7.72 12.11
CA SER B 386 -16.51 -7.01 11.15
C SER B 386 -17.96 -6.88 11.60
N VAL B 387 -18.28 -7.26 12.84
CA VAL B 387 -19.67 -7.19 13.30
C VAL B 387 -19.77 -6.63 14.72
N VAL B 388 -18.79 -6.91 15.57
CA VAL B 388 -18.86 -6.53 16.98
C VAL B 388 -18.02 -5.29 17.28
N ASN B 389 -17.51 -4.61 16.26
CA ASN B 389 -16.69 -3.42 16.49
C ASN B 389 -17.51 -2.17 16.79
N PRO B 390 -18.56 -1.84 16.01
CA PRO B 390 -19.31 -0.62 16.32
C PRO B 390 -20.06 -0.67 17.64
N PHE B 391 -20.24 -1.86 18.22
CA PHE B 391 -20.95 -2.00 19.48
C PHE B 391 -20.04 -1.80 20.68
N ILE B 392 -18.77 -2.13 20.56
CA ILE B 392 -17.85 -2.02 21.70
C ILE B 392 -17.61 -0.56 22.04
N TYR B 393 -17.23 0.25 21.05
CA TYR B 393 -17.01 1.67 21.29
C TYR B 393 -18.32 2.38 21.63
N ALA B 394 -19.46 1.85 21.18
CA ALA B 394 -20.75 2.43 21.55
C ALA B 394 -21.05 2.17 23.02
N TYR B 395 -20.97 0.90 23.45
CA TYR B 395 -21.26 0.56 24.84
C TYR B 395 -20.23 1.13 25.80
N ARG B 396 -19.07 1.59 25.32
CA ARG B 396 -18.10 2.24 26.18
C ARG B 396 -18.46 3.69 26.47
N ILE B 397 -19.41 4.27 25.75
CA ILE B 397 -19.85 5.65 25.95
C ILE B 397 -21.14 5.64 26.75
N ARG B 398 -21.24 6.55 27.73
CA ARG B 398 -22.36 6.51 28.67
C ARG B 398 -23.68 6.86 28.00
N GLU B 399 -23.67 7.71 26.97
CA GLU B 399 -24.93 8.12 26.36
C GLU B 399 -25.50 7.03 25.47
N PHE B 400 -24.65 6.28 24.76
CA PHE B 400 -25.15 5.11 24.03
C PHE B 400 -25.64 4.03 24.98
N ARG B 401 -25.04 3.94 26.17
CA ARG B 401 -25.44 2.93 27.15
C ARG B 401 -26.79 3.23 27.77
N GLN B 402 -27.19 4.50 27.81
CA GLN B 402 -28.51 4.86 28.32
C GLN B 402 -29.61 4.76 27.26
N THR B 403 -29.26 4.99 25.99
CA THR B 403 -30.24 4.87 24.92
C THR B 403 -30.55 3.41 24.63
N PHE B 404 -29.54 2.54 24.71
CA PHE B 404 -29.77 1.11 24.50
C PHE B 404 -30.77 0.56 25.50
N ARG B 405 -30.65 0.95 26.77
CA ARG B 405 -31.56 0.47 27.80
C ARG B 405 -32.98 0.98 27.56
N LYS B 406 -33.12 2.19 27.01
CA LYS B 406 -34.45 2.75 26.79
C LYS B 406 -35.19 2.05 25.65
N ILE B 407 -34.48 1.41 24.72
CA ILE B 407 -35.13 0.68 23.64
C ILE B 407 -35.42 -0.77 24.04
N ILE B 408 -34.55 -1.38 24.83
CA ILE B 408 -34.75 -2.76 25.26
C ILE B 408 -35.96 -2.85 26.19
N ARG B 409 -36.09 -1.90 27.11
CA ARG B 409 -37.23 -1.91 28.02
C ARG B 409 -38.53 -1.55 27.33
N SER B 410 -38.46 -0.75 26.26
CA SER B 410 -39.66 -0.23 25.62
C SER B 410 -40.08 -1.07 24.41
N HIS B 411 -39.35 -0.94 23.30
CA HIS B 411 -39.78 -1.56 22.05
C HIS B 411 -39.54 -3.06 22.01
N VAL B 412 -38.50 -3.55 22.68
CA VAL B 412 -38.22 -4.98 22.67
C VAL B 412 -39.30 -5.74 23.42
N LEU B 413 -39.51 -5.41 24.69
CA LEU B 413 -40.52 -6.07 25.50
C LEU B 413 -41.92 -5.61 25.10
C1 UKA C . 3.08 16.98 -11.48
N1 UKA C . 2.45 17.39 -9.31
O1 UKA C . 1.25 15.65 -10.65
C2 UKA C . 3.37 15.50 -11.60
N2 UKA C . 1.66 12.25 -10.73
O2 UKA C . 3.77 15.20 -12.87
C3 UKA C . 2.00 14.78 -11.28
N3 UKA C . 3.04 17.15 -7.24
O3 UKA C . 2.72 17.54 -12.81
C4 UKA C . 2.03 17.07 -10.64
N4 UKA C . 3.40 20.78 -7.33
O4 UKA C . 2.91 13.67 -9.40
C5 UKA C . 2.25 13.55 -10.38
N5 UKA C . 2.70 19.84 -9.37
O5 UKA C . 2.33 22.04 -10.60
C6 UKA C . 1.91 11.09 -9.86
N6 UKA C . 3.87 19.88 -5.39
O6 UKA C . 4.14 27.63 -8.43
C7 UKA C . 0.99 9.93 -10.28
N7 UKA C . 3.48 23.43 -9.16
C8 UKA C . 2.63 16.50 -8.34
N8 UKA C . 2.81 25.80 -7.97
C9 UKA C . 3.09 18.47 -7.53
N9 UKA C . 4.09 27.08 -6.19
C10 UKA C . 2.73 18.61 -8.82
N10 UKA C . 6.77 28.75 -3.41
C11 UKA C . 3.44 19.57 -6.77
N11 UKA C . 6.88 28.79 -1.50
C12 UKA C . 3.04 20.92 -8.63
C13 UKA C . 3.98 21.28 -4.93
C14 UKA C . 5.47 21.61 -4.66
C15 UKA C . 5.62 22.80 -3.65
C16 UKA C . 6.19 21.98 -5.99
C17 UKA C . 6.84 23.17 -3.11
C18 UKA C . 6.90 24.24 -2.22
C19 UKA C . 5.75 24.93 -1.87
C20 UKA C . 4.52 24.55 -2.43
C21 UKA C . 4.45 23.49 -3.32
C22 UKA C . 5.80 23.26 -6.40
C23 UKA C . 6.32 23.81 -7.56
C24 UKA C . 7.22 23.08 -8.32
C25 UKA C . 7.60 21.81 -7.92
C26 UKA C . 7.09 21.25 -6.75
C27 UKA C . 2.90 22.14 -9.56
C28 UKA C . 3.35 24.57 -10.07
C29 UKA C . 2.42 25.62 -9.39
C30 UKA C . 3.72 26.90 -7.60
C31 UKA C . 5.02 28.19 -5.79
C32 UKA C . 6.43 27.64 -5.69
C33 UKA C . 7.34 28.47 -4.77
C34 UKA C . 5.33 28.32 -3.30
C35 UKA C . 4.51 28.78 -4.50
C36 UKA C . 8.60 27.18 -2.07
C37 UKA C . 8.89 27.02 -0.75
C38 UKA C . 8.20 27.73 0.19
C39 UKA C . 7.19 28.62 -0.18
C40 UKA C . 7.59 28.07 -2.39
C1 UKA D . -12.38 -14.31 4.44
N1 UKA D . -10.84 -15.13 2.92
O1 UKA D . -12.01 -12.97 2.48
C2 UKA D . -12.08 -12.87 4.79
N2 UKA D . -11.12 -9.64 3.48
O2 UKA D . -13.02 -12.38 5.63
C3 UKA D . -12.11 -12.07 3.43
N3 UKA D . -8.72 -15.42 2.63
O3 UKA D . -13.82 -14.59 4.65
C4 UKA D . -12.08 -14.44 3.12
N4 UKA D . -9.59 -18.96 2.42
O4 UKA D . -9.81 -11.52 3.22
C5 UKA D . -10.92 -11.10 3.36
N5 UKA D . -11.44 -17.54 2.76
O5 UKA D . -13.22 -19.40 2.46
C6 UKA D . -9.95 -8.75 3.41
N6 UKA D . -7.44 -18.53 2.19
O6 UKA D . -11.86 -25.83 2.46
C7 UKA D . -10.21 -7.46 4.22
N7 UKA D . -11.85 -21.20 2.93
C8 UKA D . -9.67 -14.51 2.83
N8 UKA D . -11.40 -23.67 1.77
C9 UKA D . -9.30 -16.64 2.59
N9 UKA D . -9.62 -25.49 1.99
C10 UKA D . -10.62 -16.47 2.76
N10 UKA D . -6.45 -28.06 2.59
C11 UKA D . -8.78 -17.91 2.41
N11 UKA D . -4.69 -27.95 1.80
C12 UKA D . -10.93 -18.78 2.59
C13 UKA D . -7.32 -19.97 1.89
C14 UKA D . -6.58 -20.67 3.07
C15 UKA D . -5.86 -21.97 2.59
C16 UKA D . -7.60 -21.02 4.19
C17 UKA D . -5.02 -22.72 3.40
C18 UKA D . -4.40 -23.87 2.91
C19 UKA D . -4.63 -24.26 1.59
C20 UKA D . -5.48 -23.52 0.78
C21 UKA D . -6.09 -22.38 1.28
C22 UKA D . -8.36 -22.12 3.80
C23 UKA D . -9.35 -22.62 4.65
C24 UKA D . -9.58 -22.01 5.88
C25 UKA D . -8.82 -20.91 6.26
C26 UKA D . -7.83 -20.42 5.41
C27 UKA D . -12.11 -19.78 2.64
C28 UKA D . -12.96 -22.16 3.00
C29 UKA D . -12.80 -23.24 1.90
C30 UKA D . -11.02 -25.06 2.10
C31 UKA D . -9.24 -26.92 2.31
C32 UKA D . -8.51 -26.94 3.64
C33 UKA D . -7.41 -28.01 3.75
C34 UKA D . -6.92 -27.24 1.42
C35 UKA D . -8.43 -27.45 1.18
C36 UKA D . -4.32 -27.12 4.06
C37 UKA D . -3.00 -26.95 3.76
C38 UKA D . -2.53 -27.27 2.52
C39 UKA D . -3.37 -27.77 1.54
C40 UKA D . -5.12 -27.63 3.04
#